data_1H49
#
_entry.id   1H49
#
_cell.length_a   58.145
_cell.length_b   114.088
_cell.length_c   80.126
_cell.angle_alpha   90.00
_cell.angle_beta   93.88
_cell.angle_gamma   90.00
#
_symmetry.space_group_name_H-M   'P 1 21 1'
#
loop_
_entity.id
_entity.type
_entity.pdbx_description
1 polymer BETA-GLUCOSIDASE
2 non-polymer 2,4-DIHYDROXY-7-(METHYLOXY)-2H-1,4-BENZOXAZIN-3(4H)-ONE
3 non-polymer beta-D-glucopyranose
4 water water
#
_entity_poly.entity_id   1
_entity_poly.type   'polypeptide(L)'
_entity_poly.pdbx_seq_one_letter_code
;SARVGSQNGVQMLSPSEIPQRDWFPSDFTFGAATSAYQIEGAWNEDGKGESNWDHFCHNHPERILDGSNSDIGANSYHMY
KTDVRLLKEMGMDAYRFSISWPRILPKGTKEGGINPDGIKYYRNLINLLLENGIEPYVTIFHWDVPQALEEKYGGFLDKS
HKSIVEDYTYFAKVCFDNFGDKVKNWLTFNDPQTFTSVSYGTGVFAPGRCSPGLDCAYPTGNSLVEPYTAGHNILLAHAE
AVDLYNKHYKRDDTRIGLAFDVMGRVPYGTSFLDKQAEERSWDINLGWFLEPVVRGDYPFSMRSLARERLPFFKDEQKEK
LAGSYNMLGLNYYTSRFSKNIDISPNYSPVLNTDDAYASQEVNGPDGKPIGPPMGNPWIYMYPEGLKDLLMIMKNKYGNP
PIYITENGIGDVDTKETPLPMEAALNDYKRLDYIQRHIATLKESIDLGSNVQGYFAWSLLDNFEWFAGFTERYGIVYVDR
NNNCTRYMKESAKWLKEFNTAKKPSKKILTPA
;
_entity_poly.pdbx_strand_id   A,B
#
loop_
_chem_comp.id
_chem_comp.type
_chem_comp.name
_chem_comp.formula
BGC D-saccharide, beta linking beta-D-glucopyranose 'C6 H12 O6'
HBO non-polymer 2,4-DIHYDROXY-7-(METHYLOXY)-2H-1,4-BENZOXAZIN-3(4H)-ONE 'C9 H9 N O5'
#
# COMPACT_ATOMS: atom_id res chain seq x y z
N MET A 12 11.06 12.25 36.23
CA MET A 12 10.86 10.76 36.15
C MET A 12 12.05 10.05 35.47
N LEU A 13 12.80 10.78 34.63
CA LEU A 13 14.02 10.26 34.01
C LEU A 13 15.18 10.21 35.00
N SER A 14 16.09 9.25 34.82
CA SER A 14 17.28 9.15 35.64
C SER A 14 18.28 10.21 35.21
N PRO A 15 19.20 10.62 36.10
CA PRO A 15 20.14 11.71 35.81
C PRO A 15 21.01 11.50 34.56
N SER A 16 21.36 10.25 34.25
CA SER A 16 22.17 9.90 33.07
C SER A 16 21.35 9.91 31.78
N GLU A 17 20.04 9.77 31.92
CA GLU A 17 19.13 9.82 30.76
C GLU A 17 18.60 11.22 30.46
N ILE A 18 18.96 12.23 31.25
CA ILE A 18 18.51 13.61 31.00
C ILE A 18 19.35 14.22 29.91
N PRO A 19 18.75 14.74 28.86
CA PRO A 19 19.54 15.31 27.77
C PRO A 19 20.40 16.50 28.23
N GLN A 20 21.61 16.60 27.67
CA GLN A 20 22.50 17.71 27.89
C GLN A 20 22.68 18.40 26.55
N ARG A 21 22.98 19.68 26.58
CA ARG A 21 23.14 20.43 25.35
C ARG A 21 24.31 19.89 24.53
N ASP A 22 25.33 19.38 25.20
CA ASP A 22 26.50 18.82 24.52
C ASP A 22 26.26 17.46 23.84
N TRP A 23 25.05 16.92 23.97
CA TRP A 23 24.60 15.77 23.21
C TRP A 23 24.36 16.15 21.73
N PHE A 24 24.25 17.44 21.44
CA PHE A 24 23.84 17.92 20.13
C PHE A 24 24.94 18.73 19.50
N PRO A 25 25.02 18.76 18.16
CA PRO A 25 26.03 19.58 17.50
C PRO A 25 25.85 21.06 17.87
N SER A 26 26.94 21.81 17.80
CA SER A 26 26.91 23.19 18.25
C SER A 26 25.99 24.07 17.38
N ASP A 27 25.77 23.70 16.12
CA ASP A 27 24.88 24.45 15.25
C ASP A 27 23.38 24.04 15.34
N PHE A 28 23.07 23.04 16.16
CA PHE A 28 21.68 22.65 16.43
C PHE A 28 20.91 23.79 17.09
N THR A 29 19.61 23.86 16.79
CA THR A 29 18.78 24.98 17.15
C THR A 29 17.73 24.54 18.14
N PHE A 30 17.72 25.17 19.32
CA PHE A 30 16.62 25.04 20.25
C PHE A 30 15.85 26.35 20.32
N GLY A 31 14.52 26.28 20.32
CA GLY A 31 13.66 27.44 20.33
C GLY A 31 12.32 27.21 20.96
N ALA A 32 11.48 28.23 20.85
CA ALA A 32 10.10 28.13 21.24
C ALA A 32 9.24 28.74 20.14
N ALA A 33 7.94 28.47 20.20
CA ALA A 33 7.04 28.81 19.12
C ALA A 33 5.70 29.37 19.61
N THR A 34 5.15 30.23 18.77
CA THR A 34 3.83 30.81 18.92
C THR A 34 3.21 31.00 17.54
N SER A 35 1.96 31.47 17.53
CA SER A 35 1.28 31.94 16.33
C SER A 35 0.57 33.26 16.62
N ALA A 36 0.35 34.03 15.56
CA ALA A 36 -0.14 35.39 15.66
C ALA A 36 -1.50 35.51 16.32
N TYR A 37 -2.52 34.84 15.78
CA TYR A 37 -3.83 34.92 16.39
C TYR A 37 -3.78 34.45 17.84
N GLN A 38 -2.99 33.43 18.13
CA GLN A 38 -3.01 32.85 19.48
C GLN A 38 -2.43 33.74 20.59
N ILE A 39 -1.46 34.61 20.27
CA ILE A 39 -0.76 35.44 21.26
C ILE A 39 -0.93 36.96 21.15
N GLU A 40 -1.12 37.50 19.95
CA GLU A 40 -0.87 38.94 19.74
C GLU A 40 -1.84 39.91 20.45
N GLY A 41 -3.13 39.57 20.43
CA GLY A 41 -4.16 40.55 20.75
C GLY A 41 -4.18 41.70 19.76
N ALA A 42 -4.49 42.90 20.23
CA ALA A 42 -4.52 44.08 19.37
C ALA A 42 -5.22 43.79 18.02
N TRP A 43 -6.34 43.08 18.08
CA TRP A 43 -6.98 42.54 16.89
C TRP A 43 -7.46 43.62 15.90
N ASN A 44 -7.77 44.82 16.40
CA ASN A 44 -8.31 45.87 15.54
C ASN A 44 -7.55 47.20 15.70
N GLU A 45 -6.29 47.11 16.07
CA GLU A 45 -5.51 48.30 16.34
C GLU A 45 -4.53 48.56 15.20
N ASP A 46 -4.15 49.83 15.03
CA ASP A 46 -3.06 50.18 14.12
C ASP A 46 -3.29 49.58 12.72
N GLY A 47 -4.50 49.78 12.19
CA GLY A 47 -4.81 49.49 10.81
C GLY A 47 -4.98 48.03 10.44
N LYS A 48 -5.03 47.13 11.42
CA LYS A 48 -5.20 45.70 11.17
C LYS A 48 -6.66 45.36 10.83
N GLY A 49 -6.86 44.56 9.77
CA GLY A 49 -8.17 44.08 9.35
C GLY A 49 -8.63 42.80 10.05
N GLU A 50 -9.92 42.47 9.91
CA GLU A 50 -10.55 41.32 10.57
C GLU A 50 -10.04 40.01 9.94
N SER A 51 -9.88 38.97 10.75
CA SER A 51 -9.56 37.63 10.26
C SER A 51 -10.76 36.72 10.39
N ASN A 52 -10.66 35.56 9.75
CA ASN A 52 -11.62 34.49 9.90
C ASN A 52 -11.88 34.10 11.35
N TRP A 53 -10.83 34.10 12.18
CA TRP A 53 -10.94 33.69 13.59
C TRP A 53 -11.56 34.78 14.45
N ASP A 54 -11.27 36.04 14.14
CA ASP A 54 -12.00 37.17 14.72
C ASP A 54 -13.52 37.05 14.46
N HIS A 55 -13.94 36.86 13.20
CA HIS A 55 -15.40 36.80 12.91
C HIS A 55 -15.98 35.53 13.51
N PHE A 56 -15.19 34.46 13.54
CA PHE A 56 -15.68 33.20 14.05
C PHE A 56 -15.91 33.40 15.54
N CYS A 57 -14.90 33.74 16.32
CA CYS A 57 -15.12 33.79 17.77
C CYS A 57 -16.28 34.73 18.11
N HIS A 58 -16.52 35.72 17.23
CA HIS A 58 -17.42 36.81 17.60
C HIS A 58 -18.81 36.83 17.08
N ASN A 59 -19.09 35.97 16.10
CA ASN A 59 -20.45 35.78 15.62
C ASN A 59 -21.15 34.59 16.25
N HIS A 60 -20.49 33.92 17.18
CA HIS A 60 -21.02 32.69 17.70
C HIS A 60 -19.98 32.20 18.78
N PRO A 61 -19.81 32.98 19.86
CA PRO A 61 -18.87 32.61 20.93
C PRO A 61 -19.18 31.26 21.59
N GLU A 62 -20.38 30.73 21.32
CA GLU A 62 -20.81 29.43 21.82
C GLU A 62 -20.03 28.25 21.22
N ARG A 63 -19.24 28.52 20.18
CA ARG A 63 -18.52 27.46 19.47
C ARG A 63 -17.07 27.39 19.90
N ILE A 64 -16.67 28.30 20.78
CA ILE A 64 -15.43 28.16 21.55
C ILE A 64 -15.83 27.57 22.89
N LEU A 65 -15.11 26.54 23.32
CA LEU A 65 -15.44 25.78 24.51
C LEU A 65 -15.72 26.67 25.73
N ASP A 66 -14.85 27.65 25.99
CA ASP A 66 -15.02 28.53 27.15
C ASP A 66 -15.55 29.93 26.80
N GLY A 67 -16.04 30.11 25.58
CA GLY A 67 -16.69 31.34 25.16
C GLY A 67 -15.75 32.51 24.96
N SER A 68 -14.46 32.22 24.77
CA SER A 68 -13.44 33.24 24.76
C SER A 68 -12.98 33.57 23.37
N ASN A 69 -12.02 34.47 23.29
CA ASN A 69 -11.44 34.85 22.01
C ASN A 69 -10.02 35.30 22.26
N SER A 70 -9.37 35.79 21.22
CA SER A 70 -8.01 36.30 21.33
C SER A 70 -7.94 37.79 20.99
N ASP A 71 -8.88 38.58 21.50
CA ASP A 71 -8.79 40.05 21.30
C ASP A 71 -7.56 40.57 22.01
N ILE A 72 -7.19 39.89 23.11
CA ILE A 72 -6.02 40.19 23.92
C ILE A 72 -4.98 39.06 23.82
N GLY A 73 -5.40 37.84 24.19
CA GLY A 73 -4.57 36.65 24.06
C GLY A 73 -3.49 36.61 25.12
N ALA A 74 -2.25 36.81 24.69
CA ALA A 74 -1.13 37.08 25.58
C ALA A 74 -0.61 38.52 25.44
N ASN A 75 -1.29 39.32 24.61
CA ASN A 75 -0.97 40.73 24.44
C ASN A 75 0.43 40.95 23.90
N SER A 76 0.88 40.01 23.06
CA SER A 76 2.26 40.03 22.57
C SER A 76 2.52 41.14 21.55
N TYR A 77 1.47 41.70 20.96
CA TYR A 77 1.64 42.87 20.09
C TYR A 77 2.22 44.04 20.93
N HIS A 78 1.71 44.20 22.16
CA HIS A 78 2.24 45.21 23.09
C HIS A 78 3.37 44.72 23.99
N MET A 79 3.46 43.41 24.21
CA MET A 79 4.39 42.87 25.19
C MET A 79 5.57 42.11 24.56
N TYR A 80 5.88 42.38 23.29
CA TYR A 80 6.86 41.60 22.52
C TYR A 80 8.26 41.70 23.10
N LYS A 81 8.60 42.85 23.67
CA LYS A 81 9.88 43.03 24.33
C LYS A 81 10.09 42.04 25.49
N THR A 82 9.04 41.75 26.24
CA THR A 82 9.13 40.75 27.32
C THR A 82 9.23 39.33 26.76
N ASP A 83 8.51 39.03 25.68
CA ASP A 83 8.69 37.75 25.01
C ASP A 83 10.16 37.55 24.61
N VAL A 84 10.77 38.57 24.02
CA VAL A 84 12.15 38.45 23.61
C VAL A 84 13.04 38.31 24.83
N ARG A 85 12.74 39.06 25.89
CA ARG A 85 13.50 38.97 27.14
C ARG A 85 13.47 37.54 27.69
N LEU A 86 12.30 36.91 27.64
CA LEU A 86 12.17 35.56 28.16
C LEU A 86 12.96 34.58 27.31
N LEU A 87 12.90 34.72 25.98
CA LEU A 87 13.65 33.86 25.08
C LEU A 87 15.16 33.97 25.34
N LYS A 88 15.59 35.21 25.52
CA LYS A 88 17.00 35.55 25.77
C LYS A 88 17.48 34.92 27.08
N GLU A 89 16.74 35.13 28.15
CA GLU A 89 17.04 34.53 29.43
C GLU A 89 17.18 33.01 29.37
N MET A 90 16.35 32.37 28.56
CA MET A 90 16.35 30.93 28.44
C MET A 90 17.45 30.41 27.53
N GLY A 91 18.14 31.31 26.84
CA GLY A 91 19.26 30.91 26.00
C GLY A 91 18.79 30.24 24.72
N MET A 92 17.56 30.54 24.29
CA MET A 92 17.00 29.97 23.08
C MET A 92 17.75 30.49 21.88
N ASP A 93 18.08 29.59 20.95
CA ASP A 93 18.74 29.95 19.69
C ASP A 93 17.83 30.63 18.68
N ALA A 94 16.53 30.34 18.80
CA ALA A 94 15.56 30.77 17.81
C ALA A 94 14.13 30.88 18.34
N TYR A 95 13.30 31.62 17.60
CA TYR A 95 11.90 31.83 17.93
C TYR A 95 11.11 31.66 16.66
N ARG A 96 10.10 30.79 16.69
CA ARG A 96 9.14 30.65 15.60
C ARG A 96 7.86 31.36 15.94
N PHE A 97 7.53 32.39 15.15
CA PHE A 97 6.29 33.13 15.27
C PHE A 97 5.70 33.28 13.86
N SER A 98 4.43 33.64 13.77
CA SER A 98 3.84 33.88 12.46
C SER A 98 3.47 35.34 12.24
N ILE A 99 3.29 35.69 10.97
CA ILE A 99 2.88 37.03 10.58
C ILE A 99 1.39 36.99 10.33
N SER A 100 0.69 38.01 10.79
CA SER A 100 -0.75 38.09 10.66
C SER A 100 -1.08 38.70 9.31
N TRP A 101 -1.67 37.91 8.42
CA TRP A 101 -1.99 38.38 7.07
C TRP A 101 -2.83 39.69 7.10
N PRO A 102 -3.97 39.72 7.79
CA PRO A 102 -4.73 40.96 7.87
C PRO A 102 -4.00 42.15 8.55
N ARG A 103 -2.97 41.91 9.37
CA ARG A 103 -2.20 43.01 9.95
C ARG A 103 -1.26 43.70 8.96
N ILE A 104 -0.77 42.95 7.98
CA ILE A 104 0.07 43.51 6.93
C ILE A 104 -0.78 44.10 5.80
N LEU A 105 -1.86 43.40 5.47
CA LEU A 105 -2.72 43.67 4.30
C LEU A 105 -4.16 43.54 4.77
N PRO A 106 -4.71 44.61 5.34
CA PRO A 106 -6.04 44.57 5.96
C PRO A 106 -7.17 44.12 5.04
N LYS A 107 -7.05 44.29 3.73
CA LYS A 107 -8.08 43.81 2.81
C LYS A 107 -7.65 42.52 2.07
N GLY A 108 -6.50 41.97 2.44
CA GLY A 108 -5.98 40.74 1.85
C GLY A 108 -5.22 40.92 0.54
N THR A 109 -5.31 42.12 -0.06
CA THR A 109 -4.92 42.34 -1.45
C THR A 109 -3.87 43.44 -1.64
N LYS A 110 -3.25 43.43 -2.82
CA LYS A 110 -2.40 44.54 -3.27
C LYS A 110 -3.20 45.85 -3.40
N GLU A 111 -4.47 45.73 -3.78
CA GLU A 111 -5.41 46.86 -3.86
C GLU A 111 -5.49 47.58 -2.53
N GLY A 112 -5.69 46.80 -1.46
CA GLY A 112 -5.95 47.32 -0.13
C GLY A 112 -4.78 48.05 0.47
N GLY A 113 -3.58 47.80 -0.04
CA GLY A 113 -2.39 48.50 0.40
C GLY A 113 -1.76 47.92 1.64
N ILE A 114 -0.49 48.26 1.83
CA ILE A 114 0.32 47.73 2.90
C ILE A 114 0.20 48.62 4.12
N ASN A 115 -0.04 48.00 5.28
CA ASN A 115 -0.22 48.68 6.54
C ASN A 115 1.14 48.93 7.19
N PRO A 116 1.64 50.18 7.15
CA PRO A 116 2.99 50.49 7.63
C PRO A 116 3.25 50.08 9.08
N ASP A 117 2.21 50.06 9.92
CA ASP A 117 2.29 49.73 11.34
C ASP A 117 2.45 48.22 11.56
N GLY A 118 1.81 47.43 10.69
CA GLY A 118 1.99 46.00 10.69
C GLY A 118 3.45 45.70 10.40
N ILE A 119 3.96 46.30 9.34
CA ILE A 119 5.33 46.06 8.89
C ILE A 119 6.29 46.43 10.01
N LYS A 120 6.03 47.56 10.67
CA LYS A 120 6.86 48.09 11.75
C LYS A 120 6.91 47.14 12.95
N TYR A 121 5.76 46.56 13.30
CA TYR A 121 5.70 45.62 14.40
C TYR A 121 6.67 44.45 14.18
N TYR A 122 6.56 43.76 13.04
CA TYR A 122 7.35 42.55 12.81
C TYR A 122 8.82 42.91 12.59
N ARG A 123 9.03 44.03 11.90
CA ARG A 123 10.36 44.62 11.79
C ARG A 123 11.01 44.86 13.16
N ASN A 124 10.26 45.37 14.13
CA ASN A 124 10.77 45.63 15.49
C ASN A 124 11.03 44.35 16.28
N LEU A 125 10.07 43.44 16.23
CA LEU A 125 10.25 42.12 16.79
C LEU A 125 11.53 41.48 16.21
N ILE A 126 11.67 41.47 14.88
CA ILE A 126 12.80 40.80 14.24
C ILE A 126 14.15 41.39 14.62
N ASN A 127 14.26 42.71 14.58
CA ASN A 127 15.51 43.40 14.91
C ASN A 127 15.87 43.12 16.37
N LEU A 128 14.87 43.15 17.24
CA LEU A 128 15.08 42.89 18.67
C LEU A 128 15.55 41.46 18.96
N LEU A 129 15.02 40.48 18.22
CA LEU A 129 15.43 39.10 18.40
C LEU A 129 16.90 38.95 17.99
N LEU A 130 17.24 39.46 16.82
CA LEU A 130 18.59 39.35 16.28
C LEU A 130 19.63 40.09 17.14
N GLU A 131 19.27 41.24 17.68
CA GLU A 131 20.22 41.95 18.53
C GLU A 131 20.39 41.24 19.88
N ASN A 132 19.45 40.35 20.21
CA ASN A 132 19.62 39.45 21.33
C ASN A 132 20.13 38.04 20.95
N GLY A 133 20.70 37.91 19.75
CA GLY A 133 21.28 36.66 19.29
C GLY A 133 20.30 35.51 19.09
N ILE A 134 19.05 35.84 18.74
CA ILE A 134 17.97 34.88 18.55
C ILE A 134 17.48 34.94 17.11
N GLU A 135 17.49 33.77 16.47
CA GLU A 135 17.22 33.64 15.03
C GLU A 135 15.71 33.53 14.82
N PRO A 136 15.13 34.43 14.03
CA PRO A 136 13.71 34.33 13.70
C PRO A 136 13.38 33.27 12.63
N TYR A 137 12.46 32.39 12.99
CA TYR A 137 11.89 31.43 12.08
C TYR A 137 10.45 31.89 11.85
N VAL A 138 10.18 32.39 10.66
CA VAL A 138 8.91 33.05 10.40
C VAL A 138 7.92 32.21 9.61
N THR A 139 6.77 31.95 10.22
CA THR A 139 5.66 31.29 9.58
C THR A 139 4.84 32.38 8.96
N ILE A 140 4.64 32.30 7.64
CA ILE A 140 3.90 33.29 6.91
C ILE A 140 2.42 33.19 7.24
N PHE A 141 1.89 31.97 7.30
CA PHE A 141 0.46 31.79 7.49
C PHE A 141 0.16 30.70 8.47
N HIS A 142 -0.55 31.07 9.53
CA HIS A 142 -1.01 30.13 10.56
C HIS A 142 -2.50 30.36 10.82
N TRP A 143 -3.28 30.11 9.78
CA TRP A 143 -4.73 29.89 9.81
C TRP A 143 -5.57 31.17 9.85
N ASP A 144 -4.92 32.33 9.83
CA ASP A 144 -5.60 33.61 10.02
C ASP A 144 -5.82 34.34 8.69
N VAL A 145 -6.80 33.84 7.93
CA VAL A 145 -7.09 34.36 6.59
C VAL A 145 -7.84 35.69 6.69
N PRO A 146 -7.43 36.71 5.94
CA PRO A 146 -8.14 37.99 5.98
C PRO A 146 -9.61 37.76 5.64
N GLN A 147 -10.50 38.25 6.50
CA GLN A 147 -11.94 38.05 6.31
C GLN A 147 -12.47 38.64 5.00
N ALA A 148 -11.84 39.70 4.52
CA ALA A 148 -12.17 40.28 3.22
C ALA A 148 -12.02 39.27 2.07
N LEU A 149 -11.00 38.42 2.16
CA LEU A 149 -10.80 37.30 1.22
C LEU A 149 -11.79 36.15 1.41
N GLU A 150 -12.23 35.90 2.65
CA GLU A 150 -13.22 34.84 2.91
C GLU A 150 -14.59 35.19 2.32
N GLU A 151 -14.94 36.47 2.38
CA GLU A 151 -16.22 36.94 1.83
C GLU A 151 -16.19 37.04 0.30
N LYS A 152 -15.04 37.42 -0.27
CA LYS A 152 -14.88 37.58 -1.71
C LYS A 152 -14.99 36.25 -2.45
N TYR A 153 -14.26 35.24 -1.97
CA TYR A 153 -14.22 33.97 -2.68
C TYR A 153 -14.10 32.71 -1.81
N GLY A 154 -14.26 32.85 -0.51
CA GLY A 154 -14.15 31.73 0.42
C GLY A 154 -12.74 31.42 0.94
N GLY A 155 -11.77 32.29 0.62
CA GLY A 155 -10.38 32.07 1.02
C GLY A 155 -9.74 30.87 0.30
N PHE A 156 -9.21 29.91 1.07
CA PHE A 156 -8.64 28.69 0.53
C PHE A 156 -9.67 27.73 -0.11
N LEU A 157 -10.97 27.99 0.07
CA LEU A 157 -12.03 27.25 -0.65
C LEU A 157 -12.21 27.73 -2.09
N ASP A 158 -11.47 28.79 -2.46
CA ASP A 158 -11.50 29.34 -3.82
C ASP A 158 -11.55 28.25 -4.90
N LYS A 159 -12.62 28.27 -5.68
CA LYS A 159 -12.86 27.23 -6.69
C LYS A 159 -12.11 27.48 -7.98
N SER A 160 -11.75 28.72 -8.21
CA SER A 160 -10.91 29.09 -9.35
C SER A 160 -9.49 28.58 -9.20
N HIS A 161 -9.08 28.22 -7.97
CA HIS A 161 -7.72 27.80 -7.68
C HIS A 161 -6.68 28.78 -8.24
N LYS A 162 -6.99 30.08 -8.20
CA LYS A 162 -6.08 31.11 -8.72
C LYS A 162 -6.08 32.39 -7.88
N SER A 163 -7.24 32.85 -7.45
CA SER A 163 -7.36 34.10 -6.68
C SER A 163 -6.63 34.01 -5.33
N ILE A 164 -6.89 32.94 -4.58
CA ILE A 164 -6.19 32.74 -3.30
C ILE A 164 -4.68 32.57 -3.53
N VAL A 165 -4.33 31.92 -4.64
CA VAL A 165 -2.94 31.66 -4.95
C VAL A 165 -2.18 32.97 -5.21
N GLU A 166 -2.80 33.87 -5.98
CA GLU A 166 -2.23 35.18 -6.24
C GLU A 166 -2.16 36.04 -4.99
N ASP A 167 -3.23 36.02 -4.19
CA ASP A 167 -3.30 36.89 -3.02
C ASP A 167 -2.29 36.40 -1.97
N TYR A 168 -2.27 35.10 -1.69
CA TYR A 168 -1.26 34.52 -0.80
C TYR A 168 0.14 34.84 -1.30
N THR A 169 0.39 34.66 -2.59
CA THR A 169 1.71 34.91 -3.13
C THR A 169 2.16 36.37 -2.88
N TYR A 170 1.27 37.31 -3.14
CA TYR A 170 1.57 38.75 -2.93
C TYR A 170 1.87 39.03 -1.46
N PHE A 171 1.10 38.46 -0.55
CA PHE A 171 1.39 38.51 0.89
C PHE A 171 2.81 38.00 1.18
N ALA A 172 3.15 36.82 0.69
CA ALA A 172 4.51 36.33 0.79
C ALA A 172 5.52 37.33 0.22
N LYS A 173 5.20 37.92 -0.94
CA LYS A 173 6.07 38.91 -1.55
C LYS A 173 6.34 40.07 -0.59
N VAL A 174 5.29 40.55 0.06
CA VAL A 174 5.40 41.67 0.98
C VAL A 174 6.31 41.29 2.14
N CYS A 175 6.16 40.08 2.63
CA CYS A 175 6.96 39.58 3.74
C CYS A 175 8.42 39.47 3.33
N PHE A 176 8.67 38.94 2.13
CA PHE A 176 10.04 38.77 1.66
C PHE A 176 10.67 40.13 1.45
N ASP A 177 9.87 41.10 1.02
CA ASP A 177 10.35 42.43 0.61
C ASP A 177 10.71 43.31 1.78
N ASN A 178 10.10 43.03 2.93
CA ASN A 178 10.24 43.86 4.11
C ASN A 178 11.02 43.23 5.24
N PHE A 179 11.12 41.90 5.22
CA PHE A 179 11.77 41.16 6.29
C PHE A 179 12.87 40.23 5.81
N GLY A 180 13.03 40.06 4.50
CA GLY A 180 13.89 39.04 3.95
C GLY A 180 15.38 39.32 4.06
N ASP A 181 15.73 40.60 4.20
CA ASP A 181 17.09 40.99 4.53
C ASP A 181 17.53 40.39 5.87
N LYS A 182 16.61 40.28 6.83
CA LYS A 182 16.94 39.82 8.16
C LYS A 182 16.47 38.37 8.49
N VAL A 183 15.38 37.93 7.85
CA VAL A 183 14.83 36.58 8.02
C VAL A 183 15.48 35.63 7.00
N LYS A 184 16.11 34.57 7.52
CA LYS A 184 16.82 33.56 6.75
C LYS A 184 16.07 32.22 6.76
N ASN A 185 14.94 32.16 7.46
CA ASN A 185 14.19 30.91 7.66
C ASN A 185 12.69 31.16 7.58
N TRP A 186 12.08 30.72 6.48
CA TRP A 186 10.68 30.98 6.18
C TRP A 186 9.90 29.66 6.15
N LEU A 187 8.70 29.70 6.69
CA LEU A 187 7.76 28.60 6.52
C LEU A 187 6.46 29.17 5.98
N THR A 188 6.00 28.65 4.84
CA THR A 188 4.82 29.14 4.16
C THR A 188 3.56 28.84 4.93
N PHE A 189 3.46 27.61 5.42
CA PHE A 189 2.30 27.10 6.13
C PHE A 189 2.69 26.30 7.35
N ASN A 190 1.76 26.22 8.30
CA ASN A 190 1.92 25.45 9.49
C ASN A 190 0.66 24.65 9.75
N ASP A 191 0.81 23.35 9.99
CA ASP A 191 -0.33 22.50 10.35
C ASP A 191 -1.42 22.47 9.26
N PRO A 192 -1.03 22.25 8.01
CA PRO A 192 -2.02 22.23 6.91
C PRO A 192 -3.09 21.15 7.07
N GLN A 193 -2.74 19.97 7.56
CA GLN A 193 -3.70 18.88 7.68
C GLN A 193 -4.72 19.20 8.75
N THR A 194 -4.29 19.83 9.84
CA THR A 194 -5.21 20.19 10.91
C THR A 194 -6.11 21.33 10.47
N PHE A 195 -5.54 22.34 9.83
CA PHE A 195 -6.32 23.45 9.33
C PHE A 195 -7.44 22.98 8.40
N THR A 196 -7.11 22.20 7.39
CA THR A 196 -8.11 21.72 6.43
C THR A 196 -9.12 20.77 7.07
N SER A 197 -8.63 19.80 7.83
CA SER A 197 -9.50 18.75 8.37
C SER A 197 -10.40 19.21 9.50
N VAL A 198 -9.93 20.19 10.27
CA VAL A 198 -10.67 20.64 11.45
C VAL A 198 -11.54 21.87 11.11
N SER A 199 -11.12 22.69 10.16
CA SER A 199 -11.87 23.87 9.77
C SER A 199 -12.99 23.56 8.80
N TYR A 200 -12.78 22.55 7.93
CA TYR A 200 -13.70 22.21 6.85
C TYR A 200 -14.16 20.76 6.84
N GLY A 201 -13.72 19.97 7.81
CA GLY A 201 -14.08 18.57 7.95
C GLY A 201 -14.95 18.38 9.18
N THR A 202 -14.36 18.48 10.36
CA THR A 202 -15.16 18.47 11.58
C THR A 202 -15.82 19.82 11.80
N GLY A 203 -15.26 20.85 11.16
CA GLY A 203 -15.70 22.23 11.34
C GLY A 203 -15.65 22.77 12.76
N VAL A 204 -14.77 22.26 13.62
CA VAL A 204 -14.66 22.84 14.96
C VAL A 204 -13.85 24.14 14.95
N PHE A 205 -13.07 24.35 13.90
CA PHE A 205 -12.26 25.55 13.73
C PHE A 205 -12.88 26.50 12.68
N ALA A 206 -12.53 27.78 12.78
CA ALA A 206 -13.02 28.78 11.83
C ALA A 206 -12.67 28.42 10.39
N PRO A 207 -13.55 28.64 9.41
CA PRO A 207 -14.87 29.27 9.61
C PRO A 207 -15.99 28.35 10.10
N GLY A 208 -15.68 27.11 10.46
CA GLY A 208 -16.64 26.22 11.10
C GLY A 208 -17.58 25.55 10.12
N ARG A 209 -17.05 25.02 9.02
CA ARG A 209 -17.88 24.38 7.99
C ARG A 209 -17.73 22.86 7.99
N CYS A 210 -18.84 22.16 7.70
CA CYS A 210 -18.87 20.69 7.71
C CYS A 210 -20.07 20.21 6.87
N SER A 211 -20.14 18.90 6.61
CA SER A 211 -21.24 18.35 5.82
C SER A 211 -22.52 18.67 6.56
N PRO A 212 -23.63 18.82 5.84
CA PRO A 212 -24.95 18.84 6.46
C PRO A 212 -25.15 17.60 7.33
N GLY A 213 -25.65 17.80 8.54
CA GLY A 213 -25.91 16.72 9.48
C GLY A 213 -24.96 16.73 10.66
N LEU A 214 -23.70 17.07 10.41
CA LEU A 214 -22.71 17.13 11.48
C LEU A 214 -22.86 18.39 12.33
N ASP A 215 -22.26 18.33 13.51
CA ASP A 215 -22.42 19.35 14.54
C ASP A 215 -21.37 20.45 14.38
N CYS A 216 -21.73 21.52 13.69
CA CYS A 216 -20.87 22.72 13.57
C CYS A 216 -21.66 23.99 13.23
N ALA A 217 -20.95 25.12 13.18
CA ALA A 217 -21.60 26.42 12.99
C ALA A 217 -22.28 26.54 11.62
N TYR A 218 -21.55 26.20 10.57
CA TYR A 218 -22.04 26.26 9.20
C TYR A 218 -22.01 24.88 8.57
N PRO A 219 -23.02 24.05 8.83
CA PRO A 219 -23.11 22.72 8.20
C PRO A 219 -23.69 22.76 6.77
N THR A 220 -23.13 23.61 5.90
CA THR A 220 -23.52 23.70 4.50
C THR A 220 -22.33 23.49 3.55
N GLY A 221 -21.27 22.88 4.05
CA GLY A 221 -20.13 22.49 3.23
C GLY A 221 -20.15 21.01 2.90
N ASN A 222 -18.96 20.41 2.84
CA ASN A 222 -18.78 19.01 2.48
C ASN A 222 -17.42 18.52 3.04
N SER A 223 -17.49 17.70 4.07
CA SER A 223 -16.33 17.26 4.82
C SER A 223 -15.46 16.24 4.08
N LEU A 224 -16.02 15.68 3.01
CA LEU A 224 -15.32 14.75 2.14
C LEU A 224 -14.68 15.46 0.96
N VAL A 225 -15.01 16.74 0.77
CA VAL A 225 -14.48 17.49 -0.37
C VAL A 225 -13.72 18.77 0.05
N GLU A 226 -14.39 19.66 0.79
CA GLU A 226 -13.81 20.97 1.15
C GLU A 226 -12.39 20.90 1.78
N PRO A 227 -12.10 19.95 2.65
CA PRO A 227 -10.72 19.81 3.15
C PRO A 227 -9.69 19.59 2.03
N TYR A 228 -10.05 18.80 1.02
CA TYR A 228 -9.17 18.58 -0.11
C TYR A 228 -9.07 19.80 -1.01
N THR A 229 -10.18 20.52 -1.20
CA THR A 229 -10.15 21.77 -1.95
C THR A 229 -9.19 22.80 -1.31
N ALA A 230 -9.36 23.00 -0.02
CA ALA A 230 -8.52 23.92 0.75
C ALA A 230 -7.07 23.43 0.71
N GLY A 231 -6.88 22.14 0.88
CA GLY A 231 -5.56 21.53 0.80
C GLY A 231 -4.86 21.74 -0.51
N HIS A 232 -5.56 21.64 -1.63
CA HIS A 232 -4.81 21.80 -2.86
C HIS A 232 -4.51 23.27 -3.09
N ASN A 233 -5.38 24.17 -2.59
CA ASN A 233 -5.10 25.61 -2.70
C ASN A 233 -3.89 25.97 -1.87
N ILE A 234 -3.77 25.36 -0.70
CA ILE A 234 -2.59 25.56 0.16
C ILE A 234 -1.34 25.16 -0.61
N LEU A 235 -1.39 24.01 -1.26
CA LEU A 235 -0.23 23.50 -1.98
C LEU A 235 0.11 24.36 -3.19
N LEU A 236 -0.89 24.80 -3.95
CA LEU A 236 -0.64 25.69 -5.08
C LEU A 236 -0.05 27.01 -4.62
N ALA A 237 -0.54 27.51 -3.49
CA ALA A 237 -0.02 28.75 -2.89
C ALA A 237 1.41 28.58 -2.38
N HIS A 238 1.75 27.48 -1.69
CA HIS A 238 3.13 27.37 -1.23
C HIS A 238 4.02 27.28 -2.45
N ALA A 239 3.58 26.58 -3.50
CA ALA A 239 4.46 26.36 -4.67
C ALA A 239 4.79 27.67 -5.41
N GLU A 240 3.83 28.58 -5.47
CA GLU A 240 4.03 29.89 -6.09
C GLU A 240 4.94 30.81 -5.28
N ALA A 241 4.81 30.74 -3.96
CA ALA A 241 5.58 31.58 -3.05
C ALA A 241 7.03 31.14 -3.05
N VAL A 242 7.25 29.82 -3.07
CA VAL A 242 8.61 29.31 -3.14
C VAL A 242 9.21 29.63 -4.51
N ASP A 243 8.39 29.56 -5.55
CA ASP A 243 8.85 29.88 -6.88
C ASP A 243 9.34 31.34 -6.88
N LEU A 244 8.51 32.24 -6.34
CA LEU A 244 8.86 33.66 -6.14
C LEU A 244 10.16 33.82 -5.35
N TYR A 245 10.22 33.15 -4.18
CA TYR A 245 11.37 33.21 -3.29
C TYR A 245 12.67 32.79 -3.97
N ASN A 246 12.63 31.70 -4.74
CA ASN A 246 13.85 31.16 -5.36
C ASN A 246 14.38 32.08 -6.47
N LYS A 247 13.48 32.79 -7.12
CA LYS A 247 13.81 33.63 -8.27
C LYS A 247 14.55 34.90 -7.81
N HIS A 248 14.06 35.55 -6.77
CA HIS A 248 14.54 36.86 -6.38
C HIS A 248 15.19 36.97 -4.98
N TYR A 249 14.77 36.11 -4.03
CA TYR A 249 15.04 36.31 -2.59
C TYR A 249 15.95 35.28 -1.92
N LYS A 250 16.09 34.10 -2.51
CA LYS A 250 16.92 33.05 -1.94
C LYS A 250 18.40 33.48 -2.00
N ARG A 251 19.08 33.33 -0.88
CA ARG A 251 20.52 33.49 -0.77
C ARG A 251 21.11 32.15 -0.32
N ASP A 252 22.43 32.00 -0.39
CA ASP A 252 23.10 30.75 0.02
C ASP A 252 22.78 30.34 1.45
N ASP A 253 22.53 31.31 2.32
CA ASP A 253 22.34 30.98 3.72
C ASP A 253 20.89 31.06 4.21
N THR A 254 19.94 31.24 3.29
CA THR A 254 18.52 31.25 3.65
C THR A 254 17.77 30.03 3.10
N ARG A 255 16.64 29.74 3.73
CA ARG A 255 15.89 28.50 3.51
C ARG A 255 14.39 28.78 3.62
N ILE A 256 13.60 28.03 2.87
CA ILE A 256 12.14 28.13 2.92
C ILE A 256 11.56 26.72 2.88
N GLY A 257 10.43 26.55 3.53
CA GLY A 257 9.77 25.26 3.59
C GLY A 257 8.39 25.40 4.16
N LEU A 258 7.87 24.32 4.72
CA LEU A 258 6.61 24.36 5.46
C LEU A 258 6.65 23.32 6.57
N ALA A 259 5.68 23.39 7.48
CA ALA A 259 5.63 22.56 8.67
C ALA A 259 4.35 21.76 8.72
N PHE A 260 4.46 20.43 8.86
CA PHE A 260 3.33 19.50 8.82
C PHE A 260 2.96 19.04 10.22
N ASP A 261 1.68 19.02 10.56
CA ASP A 261 1.27 18.27 11.75
C ASP A 261 1.18 16.79 11.42
N VAL A 262 1.69 15.97 12.31
CA VAL A 262 1.66 14.54 12.15
C VAL A 262 1.56 13.86 13.53
N MET A 263 0.61 12.95 13.60
CA MET A 263 0.49 11.97 14.67
C MET A 263 1.17 10.70 14.17
N GLY A 264 2.10 10.17 14.96
CA GLY A 264 2.72 8.90 14.67
C GLY A 264 1.67 7.79 14.58
N ARG A 265 1.98 6.77 13.79
CA ARG A 265 1.08 5.64 13.54
C ARG A 265 1.81 4.33 13.81
N VAL A 266 1.16 3.45 14.56
CA VAL A 266 1.69 2.14 14.90
C VAL A 266 0.59 1.12 14.59
N PRO A 267 0.95 -0.06 14.07
CA PRO A 267 -0.08 -1.08 13.84
C PRO A 267 -0.76 -1.53 15.14
N TYR A 268 -2.09 -1.59 15.10
CA TYR A 268 -2.91 -1.99 16.22
C TYR A 268 -2.60 -3.41 16.67
N GLY A 269 -2.57 -4.36 15.74
CA GLY A 269 -2.34 -5.75 16.07
C GLY A 269 -1.19 -6.29 15.24
N THR A 270 -1.08 -7.61 15.19
CA THR A 270 0.04 -8.25 14.48
C THR A 270 -0.27 -8.53 12.99
N SER A 271 -1.55 -8.47 12.62
CA SER A 271 -1.96 -8.74 11.24
C SER A 271 -1.32 -7.79 10.23
N PHE A 272 -1.03 -8.32 9.05
CA PHE A 272 -0.53 -7.48 7.96
C PHE A 272 -1.52 -6.40 7.56
N LEU A 273 -2.81 -6.62 7.81
CA LEU A 273 -3.84 -5.64 7.50
C LEU A 273 -3.61 -4.33 8.24
N ASP A 274 -3.19 -4.41 9.50
CA ASP A 274 -2.94 -3.24 10.33
C ASP A 274 -1.63 -2.54 9.96
N LYS A 275 -0.71 -3.27 9.36
CA LYS A 275 0.45 -2.63 8.80
C LYS A 275 0.04 -1.79 7.58
N GLN A 276 -0.86 -2.35 6.76
CA GLN A 276 -1.45 -1.64 5.62
C GLN A 276 -2.21 -0.40 6.08
N ALA A 277 -2.95 -0.54 7.18
CA ALA A 277 -3.72 0.57 7.74
C ALA A 277 -2.79 1.66 8.23
N GLU A 278 -1.69 1.24 8.84
CA GLU A 278 -0.68 2.16 9.34
C GLU A 278 -0.12 3.00 8.20
N GLU A 279 0.21 2.35 7.09
CA GLU A 279 0.77 3.04 5.92
C GLU A 279 -0.22 4.01 5.30
N ARG A 280 -1.47 3.60 5.17
CA ARG A 280 -2.53 4.50 4.71
C ARG A 280 -2.69 5.72 5.64
N SER A 281 -2.46 5.52 6.95
CA SER A 281 -2.61 6.61 7.92
C SER A 281 -1.45 7.60 7.91
N TRP A 282 -0.21 7.12 7.83
CA TRP A 282 0.92 8.02 7.59
C TRP A 282 0.63 8.81 6.32
N ASP A 283 0.18 8.14 5.26
CA ASP A 283 -0.07 8.79 3.96
C ASP A 283 -1.11 9.94 4.03
N ILE A 284 -2.23 9.72 4.70
CA ILE A 284 -3.29 10.72 4.74
C ILE A 284 -2.96 11.86 5.68
N ASN A 285 -2.09 11.63 6.65
CA ASN A 285 -1.78 12.65 7.67
C ASN A 285 -0.53 13.39 7.25
N LEU A 286 0.56 12.66 7.05
CA LEU A 286 1.84 13.26 6.63
C LEU A 286 1.93 13.39 5.10
N GLY A 287 1.66 12.30 4.39
CA GLY A 287 1.85 12.23 2.96
C GLY A 287 1.04 13.22 2.13
N TRP A 288 -0.15 13.55 2.62
CA TRP A 288 -1.07 14.45 1.93
C TRP A 288 -0.39 15.74 1.48
N PHE A 289 0.31 16.39 2.39
CA PHE A 289 0.99 17.63 2.06
C PHE A 289 2.49 17.45 1.78
N LEU A 290 3.09 16.37 2.29
CA LEU A 290 4.52 16.12 2.10
C LEU A 290 4.83 15.62 0.72
N GLU A 291 4.08 14.62 0.27
CA GLU A 291 4.36 13.98 -1.00
C GLU A 291 4.24 14.95 -2.19
N PRO A 292 3.22 15.81 -2.26
CA PRO A 292 3.21 16.90 -3.23
C PRO A 292 4.47 17.76 -3.26
N VAL A 293 4.98 18.22 -2.11
CA VAL A 293 6.19 19.06 -2.15
C VAL A 293 7.46 18.27 -2.44
N VAL A 294 7.46 16.95 -2.21
CA VAL A 294 8.62 16.13 -2.55
C VAL A 294 8.62 15.75 -4.04
N ARG A 295 7.51 15.19 -4.53
CA ARG A 295 7.48 14.64 -5.90
C ARG A 295 6.45 15.24 -6.85
N GLY A 296 5.66 16.19 -6.36
CA GLY A 296 4.68 16.89 -7.15
C GLY A 296 3.30 16.27 -7.26
N ASP A 297 3.01 15.26 -6.45
CA ASP A 297 1.66 14.67 -6.44
C ASP A 297 1.32 14.08 -5.07
N TYR A 298 0.03 13.88 -4.85
CA TYR A 298 -0.47 13.23 -3.63
C TYR A 298 -0.06 11.76 -3.57
N PRO A 299 -0.05 11.19 -2.38
CA PRO A 299 0.16 9.75 -2.23
C PRO A 299 -0.80 8.96 -3.09
N PHE A 300 -0.29 7.87 -3.67
CA PHE A 300 -1.09 6.93 -4.43
C PHE A 300 -2.33 6.52 -3.65
N SER A 301 -2.15 6.21 -2.38
CA SER A 301 -3.25 5.65 -1.58
C SER A 301 -4.41 6.62 -1.54
N MET A 302 -4.13 7.89 -1.28
CA MET A 302 -5.17 8.92 -1.24
C MET A 302 -5.89 9.06 -2.59
N ARG A 303 -5.14 9.05 -3.68
CA ARG A 303 -5.76 9.14 -5.02
C ARG A 303 -6.67 7.94 -5.28
N SER A 304 -6.26 6.75 -4.85
CA SER A 304 -7.05 5.55 -5.10
C SER A 304 -8.33 5.55 -4.26
N LEU A 305 -8.31 6.26 -3.13
CA LEU A 305 -9.38 6.18 -2.15
C LEU A 305 -10.31 7.39 -2.15
N ALA A 306 -9.74 8.57 -2.21
CA ALA A 306 -10.53 9.80 -2.37
C ALA A 306 -11.01 10.02 -3.81
N ARG A 307 -10.25 9.55 -4.79
CA ARG A 307 -10.62 9.60 -6.21
C ARG A 307 -10.89 11.03 -6.68
N GLU A 308 -12.07 11.28 -7.26
CA GLU A 308 -12.42 12.58 -7.83
C GLU A 308 -12.58 13.69 -6.79
N ARG A 309 -12.74 13.34 -5.53
CA ARG A 309 -12.76 14.33 -4.44
C ARG A 309 -11.39 15.01 -4.22
N LEU A 310 -10.32 14.39 -4.72
CA LEU A 310 -8.98 14.96 -4.64
C LEU A 310 -8.58 15.53 -6.00
N PRO A 311 -8.48 16.86 -6.11
CA PRO A 311 -8.22 17.48 -7.41
C PRO A 311 -6.85 17.06 -7.96
N PHE A 312 -6.70 17.16 -9.28
CA PHE A 312 -5.44 16.89 -9.97
C PHE A 312 -4.63 18.17 -10.17
N PHE A 313 -3.31 18.05 -10.00
CA PHE A 313 -2.39 19.11 -10.41
C PHE A 313 -2.13 19.10 -11.93
N LYS A 314 -2.06 20.28 -12.53
CA LYS A 314 -1.60 20.43 -13.91
C LYS A 314 -0.09 20.19 -13.97
N ASP A 315 0.43 19.87 -15.14
CA ASP A 315 1.84 19.51 -15.27
C ASP A 315 2.77 20.64 -14.81
N GLU A 316 2.43 21.87 -15.15
CA GLU A 316 3.20 23.04 -14.75
C GLU A 316 3.19 23.23 -13.23
N GLN A 317 2.09 22.83 -12.61
CA GLN A 317 1.95 22.88 -11.15
C GLN A 317 2.78 21.77 -10.47
N LYS A 318 2.87 20.59 -11.08
CA LYS A 318 3.66 19.51 -10.52
C LYS A 318 5.12 19.88 -10.49
N GLU A 319 5.61 20.47 -11.57
CA GLU A 319 7.00 20.91 -11.66
C GLU A 319 7.33 21.90 -10.55
N LYS A 320 6.46 22.88 -10.35
CA LYS A 320 6.68 23.93 -9.34
C LYS A 320 6.65 23.35 -7.94
N LEU A 321 5.78 22.37 -7.72
CA LEU A 321 5.60 21.75 -6.39
C LEU A 321 6.78 20.87 -6.00
N ALA A 322 7.35 20.16 -6.99
CA ALA A 322 8.34 19.11 -6.68
C ALA A 322 9.69 19.73 -6.29
N GLY A 323 10.17 19.41 -5.08
CA GLY A 323 11.40 20.01 -4.60
C GLY A 323 11.25 21.44 -4.06
N SER A 324 10.03 21.87 -3.76
CA SER A 324 9.75 23.23 -3.30
C SER A 324 10.01 23.49 -1.78
N TYR A 325 11.23 23.18 -1.33
CA TYR A 325 11.64 23.35 0.07
C TYR A 325 13.14 23.18 0.17
N ASN A 326 13.73 23.81 1.18
CA ASN A 326 15.13 23.61 1.56
C ASN A 326 15.18 22.95 2.93
N MET A 327 14.05 23.02 3.63
CA MET A 327 13.89 22.42 4.94
C MET A 327 12.42 22.15 5.20
N LEU A 328 12.14 21.37 6.22
CA LEU A 328 10.77 20.99 6.52
C LEU A 328 10.56 20.98 8.03
N GLY A 329 9.36 21.35 8.48
CA GLY A 329 8.97 21.25 9.87
C GLY A 329 8.03 20.08 10.14
N LEU A 330 8.14 19.54 11.34
CA LEU A 330 7.27 18.52 11.83
C LEU A 330 6.74 19.02 13.18
N ASN A 331 5.41 19.06 13.29
CA ASN A 331 4.72 19.37 14.51
C ASN A 331 4.21 18.06 15.09
N TYR A 332 4.80 17.65 16.22
CA TYR A 332 4.57 16.30 16.75
C TYR A 332 4.22 16.37 18.23
N TYR A 333 3.13 15.70 18.61
CA TYR A 333 2.61 15.68 19.96
C TYR A 333 2.34 14.27 20.49
N THR A 334 1.89 13.37 19.62
CA THR A 334 1.44 12.08 20.06
C THR A 334 1.31 11.09 18.89
N SER A 335 0.89 9.86 19.21
CA SER A 335 0.71 8.81 18.19
C SER A 335 -0.59 8.05 18.46
N ARG A 336 -1.00 7.22 17.50
CA ARG A 336 -2.17 6.35 17.60
C ARG A 336 -1.90 4.98 17.00
N PHE A 337 -2.66 3.99 17.46
CA PHE A 337 -2.68 2.67 16.82
C PHE A 337 -3.62 2.70 15.63
N SER A 338 -3.17 2.26 14.45
CA SER A 338 -4.03 2.23 13.26
C SER A 338 -4.58 0.82 13.07
N LYS A 339 -5.90 0.74 12.92
CA LYS A 339 -6.61 -0.53 12.81
C LYS A 339 -7.38 -0.58 11.50
N ASN A 340 -7.11 -1.63 10.71
CA ASN A 340 -7.76 -1.84 9.41
C ASN A 340 -9.28 -1.72 9.44
N ILE A 341 -9.82 -1.03 8.45
CA ILE A 341 -11.23 -1.14 8.07
C ILE A 341 -11.24 -1.59 6.61
N ASP A 342 -11.99 -2.63 6.30
CA ASP A 342 -12.12 -3.09 4.94
C ASP A 342 -13.06 -2.23 4.13
N ILE A 343 -12.78 -2.15 2.83
CA ILE A 343 -13.73 -1.67 1.86
C ILE A 343 -14.87 -2.71 1.83
N SER A 344 -16.08 -2.23 2.04
CA SER A 344 -17.25 -3.09 2.04
C SER A 344 -18.51 -2.24 2.14
N PRO A 345 -19.67 -2.81 1.81
CA PRO A 345 -20.93 -2.07 1.93
C PRO A 345 -21.36 -1.80 3.38
N ASN A 346 -20.63 -2.36 4.35
CA ASN A 346 -20.82 -2.05 5.78
C ASN A 346 -20.12 -0.78 6.28
N TYR A 347 -19.37 -0.08 5.41
CA TYR A 347 -18.62 1.12 5.81
C TYR A 347 -18.55 2.19 4.74
N SER A 348 -18.90 3.44 5.10
CA SER A 348 -18.79 4.60 4.20
C SER A 348 -18.17 5.82 4.91
N PRO A 349 -17.06 6.35 4.38
CA PRO A 349 -16.40 7.54 4.95
C PRO A 349 -17.31 8.77 5.14
N VAL A 350 -17.19 9.38 6.33
CA VAL A 350 -17.93 10.60 6.68
C VAL A 350 -17.00 11.83 6.67
N LEU A 351 -15.84 11.70 7.31
CA LEU A 351 -14.83 12.76 7.34
C LEU A 351 -13.75 12.48 6.33
N ASN A 352 -13.08 13.52 5.85
CA ASN A 352 -11.98 13.32 4.90
C ASN A 352 -10.97 12.31 5.47
N THR A 353 -10.74 12.33 6.80
CA THR A 353 -9.77 11.40 7.43
C THR A 353 -10.20 9.94 7.43
N ASP A 354 -11.49 9.68 7.28
CA ASP A 354 -11.97 8.32 7.10
C ASP A 354 -11.56 7.67 5.77
N ASP A 355 -11.08 8.43 4.80
CA ASP A 355 -10.54 7.88 3.53
C ASP A 355 -9.30 7.02 3.68
N ALA A 356 -8.69 7.01 4.86
CA ALA A 356 -7.60 6.09 5.17
C ALA A 356 -8.05 4.67 5.45
N TYR A 357 -9.34 4.46 5.65
CA TYR A 357 -9.86 3.15 5.99
C TYR A 357 -9.12 2.55 7.17
N ALA A 358 -8.98 3.36 8.20
CA ALA A 358 -8.30 2.92 9.40
C ALA A 358 -8.81 3.72 10.58
N SER A 359 -9.14 3.03 11.65
CA SER A 359 -9.52 3.70 12.89
C SER A 359 -8.27 3.97 13.71
N GLN A 360 -8.25 5.12 14.36
CA GLN A 360 -7.06 5.57 15.03
C GLN A 360 -7.36 5.50 16.51
N GLU A 361 -6.83 4.45 17.15
CA GLU A 361 -7.14 4.11 18.53
C GLU A 361 -6.07 4.61 19.47
N VAL A 362 -6.51 5.11 20.64
CA VAL A 362 -5.62 5.40 21.75
C VAL A 362 -5.14 4.11 22.39
N ASN A 363 -6.07 3.18 22.62
CA ASN A 363 -5.76 1.94 23.30
C ASN A 363 -5.50 0.83 22.28
N GLY A 364 -4.45 0.03 22.51
CA GLY A 364 -4.20 -1.15 21.71
C GLY A 364 -5.07 -2.35 22.10
N PRO A 365 -4.70 -3.54 21.62
CA PRO A 365 -5.50 -4.76 21.90
C PRO A 365 -5.52 -5.18 23.37
N ASP A 366 -4.53 -4.77 24.16
CA ASP A 366 -4.47 -5.09 25.61
C ASP A 366 -5.25 -4.12 26.52
N GLY A 367 -5.96 -3.17 25.92
CA GLY A 367 -6.71 -2.17 26.66
C GLY A 367 -5.89 -0.98 27.11
N LYS A 368 -4.56 -1.10 27.09
CA LYS A 368 -3.66 -0.08 27.66
C LYS A 368 -3.41 1.00 26.63
N PRO A 369 -3.33 2.26 27.05
CA PRO A 369 -3.00 3.36 26.12
C PRO A 369 -1.59 3.26 25.57
N ILE A 370 -1.40 3.86 24.39
CA ILE A 370 -0.16 3.82 23.62
C ILE A 370 0.99 4.45 24.38
N GLY A 371 0.66 5.47 25.17
CA GLY A 371 1.58 6.04 26.13
C GLY A 371 0.80 6.77 27.20
N PRO A 372 1.51 7.18 28.26
CA PRO A 372 0.84 7.85 29.39
C PRO A 372 0.10 9.11 28.96
N PRO A 373 -1.12 9.34 29.47
CA PRO A 373 -1.90 10.53 29.14
C PRO A 373 -1.31 11.78 29.76
N MET A 374 -1.25 12.85 28.99
CA MET A 374 -0.57 14.08 29.40
C MET A 374 -1.49 15.16 29.97
N GLY A 375 -2.80 14.92 29.97
CA GLY A 375 -3.74 15.76 30.69
C GLY A 375 -4.95 16.17 29.89
N ASN A 376 -4.73 16.60 28.65
CA ASN A 376 -5.84 17.07 27.81
C ASN A 376 -6.49 15.87 27.07
N PRO A 377 -7.56 16.12 26.33
CA PRO A 377 -8.32 15.04 25.70
C PRO A 377 -7.55 14.10 24.76
N TRP A 378 -6.46 14.57 24.13
CA TRP A 378 -5.84 13.82 23.02
C TRP A 378 -4.32 13.55 23.06
N ILE A 379 -3.56 14.20 23.94
CA ILE A 379 -2.11 13.96 23.96
C ILE A 379 -1.73 12.80 24.85
N TYR A 380 -1.20 11.76 24.22
CA TYR A 380 -0.57 10.64 24.91
C TYR A 380 0.92 10.60 24.59
N MET A 381 1.75 10.50 25.63
CA MET A 381 3.20 10.55 25.47
C MET A 381 3.76 9.28 24.82
N TYR A 382 4.28 9.42 23.61
CA TYR A 382 4.86 8.32 22.86
C TYR A 382 6.02 8.84 22.01
N PRO A 383 7.18 9.08 22.63
CA PRO A 383 8.34 9.62 21.91
C PRO A 383 8.88 8.68 20.82
N GLU A 384 8.65 7.37 20.93
CA GLU A 384 9.05 6.44 19.87
C GLU A 384 8.45 6.82 18.51
N GLY A 385 7.21 7.33 18.50
CA GLY A 385 6.57 7.73 17.26
C GLY A 385 7.25 8.87 16.53
N LEU A 386 7.86 9.77 17.30
CA LEU A 386 8.71 10.81 16.78
C LEU A 386 9.90 10.17 16.08
N LYS A 387 10.53 9.20 16.75
CA LYS A 387 11.62 8.46 16.12
C LYS A 387 11.15 7.80 14.80
N ASP A 388 9.99 7.13 14.82
CA ASP A 388 9.39 6.48 13.64
C ASP A 388 9.26 7.43 12.46
N LEU A 389 8.77 8.62 12.79
CA LEU A 389 8.49 9.68 11.84
C LEU A 389 9.78 10.15 11.23
N LEU A 390 10.79 10.34 12.05
CA LEU A 390 12.10 10.77 11.56
C LEU A 390 12.77 9.73 10.67
N MET A 391 12.54 8.46 10.96
CA MET A 391 13.11 7.41 10.12
C MET A 391 12.41 7.34 8.77
N ILE A 392 11.11 7.65 8.73
CA ILE A 392 10.39 7.78 7.47
C ILE A 392 10.96 8.89 6.62
N MET A 393 11.14 10.07 7.22
CA MET A 393 11.69 11.24 6.51
C MET A 393 13.08 10.90 6.00
N LYS A 394 13.83 10.18 6.82
CA LYS A 394 15.17 9.74 6.45
C LYS A 394 15.20 8.74 5.28
N ASN A 395 14.44 7.66 5.40
CA ASN A 395 14.58 6.52 4.50
C ASN A 395 13.67 6.54 3.27
N LYS A 396 12.57 7.28 3.32
CA LYS A 396 11.58 7.33 2.25
C LYS A 396 11.65 8.61 1.45
N TYR A 397 11.80 9.73 2.13
CA TYR A 397 11.58 11.05 1.52
C TYR A 397 12.83 11.90 1.39
N GLY A 398 13.98 11.24 1.29
CA GLY A 398 15.24 11.89 0.94
C GLY A 398 16.07 12.46 2.08
N ASN A 399 15.69 12.18 3.33
CA ASN A 399 16.38 12.77 4.50
C ASN A 399 16.67 14.29 4.42
N PRO A 400 15.66 15.12 4.19
CA PRO A 400 15.86 16.57 4.15
C PRO A 400 16.13 17.14 5.54
N PRO A 401 16.64 18.38 5.58
CA PRO A 401 16.79 19.09 6.84
C PRO A 401 15.44 19.24 7.52
N ILE A 402 15.33 18.78 8.76
CA ILE A 402 14.07 18.75 9.52
C ILE A 402 14.21 19.57 10.80
N TYR A 403 13.18 20.36 11.11
CA TYR A 403 12.99 20.96 12.42
C TYR A 403 11.72 20.41 13.07
N ILE A 404 11.79 20.02 14.34
CA ILE A 404 10.59 19.79 15.12
C ILE A 404 10.08 21.19 15.48
N THR A 405 9.14 21.69 14.70
CA THR A 405 8.66 23.06 14.85
C THR A 405 7.59 23.22 15.92
N GLU A 406 7.06 22.11 16.44
CA GLU A 406 6.19 22.14 17.58
C GLU A 406 6.27 20.83 18.36
N ASN A 407 6.31 20.95 19.68
CA ASN A 407 6.23 19.80 20.57
C ASN A 407 5.91 20.31 22.01
N GLY A 408 4.94 19.69 22.66
CA GLY A 408 4.53 20.16 23.97
C GLY A 408 3.28 19.46 24.47
N ILE A 409 2.81 19.88 25.63
CA ILE A 409 1.55 19.41 26.18
C ILE A 409 0.69 20.58 26.65
N GLY A 410 -0.61 20.32 26.83
CA GLY A 410 -1.53 21.31 27.38
C GLY A 410 -2.01 20.91 28.78
N ASP A 411 -1.75 21.76 29.75
CA ASP A 411 -2.25 21.56 31.12
C ASP A 411 -3.68 22.11 31.16
N VAL A 412 -4.61 21.29 31.62
CA VAL A 412 -6.03 21.67 31.70
C VAL A 412 -6.28 22.63 32.88
N ASP A 413 -7.01 23.71 32.59
CA ASP A 413 -7.29 24.79 33.55
C ASP A 413 -8.62 25.43 33.17
N THR A 414 -9.68 25.04 33.89
CA THR A 414 -11.04 25.51 33.58
C THR A 414 -11.77 26.05 34.82
N LYS A 415 -12.92 26.66 34.60
CA LYS A 415 -13.78 27.12 35.69
C LYS A 415 -14.14 25.98 36.65
N GLU A 416 -14.51 24.82 36.11
CA GLU A 416 -14.90 23.67 36.94
C GLU A 416 -13.73 23.18 37.78
N THR A 417 -12.62 22.89 37.12
CA THR A 417 -11.41 22.39 37.76
C THR A 417 -10.21 23.34 37.50
N PRO A 418 -10.13 24.41 38.28
CA PRO A 418 -9.05 25.40 38.10
C PRO A 418 -7.71 24.83 38.57
N LEU A 419 -6.64 25.29 37.93
CA LEU A 419 -5.30 24.78 38.18
C LEU A 419 -4.62 25.83 39.03
N PRO A 420 -4.29 25.55 40.29
CA PRO A 420 -3.57 26.51 41.13
C PRO A 420 -2.29 26.98 40.46
N MET A 421 -1.94 28.26 40.62
CA MET A 421 -0.74 28.79 39.98
C MET A 421 0.53 27.99 40.35
N GLU A 422 0.61 27.52 41.59
CA GLU A 422 1.76 26.74 42.04
C GLU A 422 1.91 25.42 41.25
N ALA A 423 0.79 24.74 41.03
CA ALA A 423 0.78 23.52 40.24
C ALA A 423 1.02 23.80 38.75
N ALA A 424 0.52 24.92 38.26
CA ALA A 424 0.70 25.31 36.86
C ALA A 424 2.18 25.63 36.58
N LEU A 425 2.86 26.21 37.56
CA LEU A 425 4.27 26.52 37.44
C LEU A 425 5.13 25.29 37.70
N ASN A 426 4.63 24.35 38.50
CA ASN A 426 5.38 23.12 38.82
C ASN A 426 5.06 22.04 37.80
N ASP A 427 5.34 22.35 36.54
CA ASP A 427 4.85 21.57 35.41
C ASP A 427 5.82 20.44 35.08
N TYR A 428 5.90 19.47 35.98
CA TYR A 428 6.87 18.39 35.86
C TYR A 428 6.48 17.36 34.81
N LYS A 429 5.18 17.20 34.56
CA LYS A 429 4.72 16.41 33.44
C LYS A 429 5.25 16.94 32.10
N ARG A 430 5.11 18.24 31.87
CA ARG A 430 5.60 18.90 30.67
C ARG A 430 7.10 18.73 30.54
N LEU A 431 7.81 19.00 31.63
CA LEU A 431 9.26 18.94 31.66
C LEU A 431 9.78 17.55 31.26
N ASP A 432 9.19 16.53 31.87
CA ASP A 432 9.53 15.14 31.56
C ASP A 432 9.21 14.77 30.10
N TYR A 433 8.07 15.25 29.60
CA TYR A 433 7.68 15.06 28.20
C TYR A 433 8.69 15.67 27.28
N ILE A 434 9.10 16.91 27.56
CA ILE A 434 10.06 17.62 26.73
C ILE A 434 11.43 16.92 26.72
N GLN A 435 11.91 16.57 27.91
CA GLN A 435 13.19 15.86 28.04
C GLN A 435 13.18 14.55 27.22
N ARG A 436 12.11 13.77 27.29
CA ARG A 436 12.09 12.49 26.62
C ARG A 436 12.11 12.69 25.10
N HIS A 437 11.38 13.70 24.63
CA HIS A 437 11.38 13.98 23.22
C HIS A 437 12.70 14.57 22.73
N ILE A 438 13.38 15.38 23.54
CA ILE A 438 14.69 15.89 23.12
C ILE A 438 15.68 14.71 23.08
N ALA A 439 15.56 13.81 24.06
CA ALA A 439 16.38 12.59 24.11
C ALA A 439 16.17 11.71 22.86
N THR A 440 14.93 11.69 22.36
CA THR A 440 14.62 10.93 21.15
C THR A 440 15.31 11.52 19.91
N LEU A 441 15.46 12.85 19.88
CA LEU A 441 16.16 13.51 18.80
C LEU A 441 17.64 13.14 18.78
N LYS A 442 18.27 13.12 19.93
CA LYS A 442 19.61 12.55 20.09
C LYS A 442 19.72 11.14 19.49
N GLU A 443 18.81 10.26 19.88
CA GLU A 443 18.78 8.91 19.35
C GLU A 443 18.57 8.87 17.83
N SER A 444 17.73 9.77 17.31
CA SER A 444 17.42 9.81 15.89
C SER A 444 18.58 10.37 15.06
N ILE A 445 19.24 11.44 15.50
CA ILE A 445 20.46 11.95 14.88
C ILE A 445 21.55 10.86 14.77
N ASP A 446 21.78 10.11 15.85
CA ASP A 446 22.71 8.98 15.84
C ASP A 446 22.38 7.96 14.72
N LEU A 447 21.08 7.67 14.56
CA LEU A 447 20.57 6.80 13.50
C LEU A 447 20.62 7.41 12.11
N GLY A 448 20.98 8.69 12.01
CA GLY A 448 21.22 9.31 10.72
C GLY A 448 20.16 10.31 10.29
N SER A 449 19.18 10.60 11.14
CA SER A 449 18.19 11.62 10.83
C SER A 449 18.85 13.00 10.63
N ASN A 450 18.35 13.73 9.65
CA ASN A 450 18.86 15.06 9.33
C ASN A 450 18.08 16.16 10.11
N VAL A 451 17.68 15.85 11.33
CA VAL A 451 17.01 16.79 12.21
C VAL A 451 18.01 17.80 12.72
N GLN A 452 17.66 19.08 12.62
CA GLN A 452 18.54 20.19 12.93
C GLN A 452 18.03 21.09 14.05
N GLY A 453 16.83 20.86 14.55
CA GLY A 453 16.34 21.70 15.62
C GLY A 453 15.04 21.28 16.26
N TYR A 454 14.72 21.95 17.36
CA TYR A 454 13.57 21.64 18.20
C TYR A 454 12.99 22.95 18.75
N PHE A 455 11.68 23.10 18.60
CA PHE A 455 10.94 24.22 19.10
C PHE A 455 9.83 23.71 20.06
N ALA A 456 9.86 24.14 21.31
CA ALA A 456 8.76 23.84 22.23
C ALA A 456 7.53 24.62 21.83
N TRP A 457 6.38 23.94 21.77
CA TRP A 457 5.18 24.65 21.44
C TRP A 457 4.68 25.29 22.68
N SER A 458 4.57 26.61 22.49
CA SER A 458 4.16 27.62 23.36
C SER A 458 5.28 28.12 24.25
N LEU A 459 6.00 29.09 23.71
CA LEU A 459 6.64 30.06 24.56
C LEU A 459 5.65 30.45 25.66
N LEU A 460 4.41 30.74 25.27
CA LEU A 460 3.44 31.34 26.18
C LEU A 460 2.13 30.55 26.29
N ASP A 461 1.54 30.55 27.46
CA ASP A 461 0.13 30.15 27.54
C ASP A 461 -0.63 31.09 26.60
N ASN A 462 -1.48 30.51 25.77
CA ASN A 462 -2.19 31.32 24.77
C ASN A 462 -3.60 30.80 24.45
N PHE A 463 -4.24 31.43 23.47
CA PHE A 463 -5.56 31.01 23.02
C PHE A 463 -5.44 29.74 22.15
N GLU A 464 -5.94 28.61 22.63
CA GLU A 464 -5.82 27.32 21.93
C GLU A 464 -7.09 26.98 21.11
N TRP A 465 -7.42 27.87 20.19
CA TRP A 465 -8.46 27.64 19.20
C TRP A 465 -9.79 27.23 19.86
N PHE A 466 -10.35 26.05 19.55
CA PHE A 466 -11.60 25.62 20.17
C PHE A 466 -11.49 25.57 21.69
N ALA A 467 -10.37 25.08 22.19
CA ALA A 467 -10.17 24.90 23.62
C ALA A 467 -10.12 26.24 24.34
N GLY A 468 -9.85 27.31 23.60
CA GLY A 468 -9.75 28.65 24.15
C GLY A 468 -8.64 28.73 25.18
N PHE A 469 -8.95 29.28 26.35
CA PHE A 469 -7.96 29.35 27.43
C PHE A 469 -8.02 28.17 28.42
N THR A 470 -8.72 27.10 28.08
CA THR A 470 -8.83 25.94 28.96
C THR A 470 -7.57 25.08 28.98
N GLU A 471 -6.63 25.37 28.07
CA GLU A 471 -5.39 24.62 27.99
C GLU A 471 -4.20 25.57 27.94
N ARG A 472 -3.27 25.37 28.86
CA ARG A 472 -2.05 26.14 28.95
C ARG A 472 -0.91 25.30 28.37
N TYR A 473 -0.40 25.70 27.21
CA TYR A 473 0.69 24.98 26.56
C TYR A 473 2.07 25.63 26.78
N GLY A 474 2.05 26.82 27.37
CA GLY A 474 3.26 27.57 27.61
C GLY A 474 4.33 26.90 28.45
N ILE A 475 5.58 27.18 28.11
CA ILE A 475 6.67 26.98 29.05
C ILE A 475 6.75 28.19 30.01
N VAL A 476 6.09 29.30 29.62
CA VAL A 476 5.95 30.49 30.45
C VAL A 476 4.45 30.67 30.71
N TYR A 477 4.10 30.79 31.97
CA TYR A 477 2.75 31.07 32.43
C TYR A 477 2.34 32.51 32.06
N VAL A 478 1.07 32.70 31.71
CA VAL A 478 0.54 34.03 31.44
C VAL A 478 -0.61 34.26 32.38
N ASP A 479 -0.46 35.26 33.24
CA ASP A 479 -1.48 35.60 34.20
C ASP A 479 -2.42 36.65 33.61
N ARG A 480 -3.52 36.16 33.03
CA ARG A 480 -4.53 37.01 32.42
C ARG A 480 -5.30 37.89 33.42
N ASN A 481 -5.39 37.46 34.69
CA ASN A 481 -6.04 38.27 35.76
C ASN A 481 -5.30 39.57 36.04
N ASN A 482 -4.00 39.54 35.79
CA ASN A 482 -3.22 40.74 35.88
C ASN A 482 -3.11 41.33 34.49
N ASN A 483 -1.92 41.71 34.06
CA ASN A 483 -1.81 42.31 32.74
C ASN A 483 -1.01 41.37 31.87
N CYS A 484 -1.47 40.11 31.85
CA CYS A 484 -0.78 39.01 31.15
C CYS A 484 0.66 38.93 31.60
N THR A 485 0.85 38.96 32.92
CA THR A 485 2.18 38.84 33.50
C THR A 485 2.79 37.47 33.21
N ARG A 486 4.05 37.45 32.78
CA ARG A 486 4.72 36.19 32.49
C ARG A 486 5.49 35.67 33.69
N TYR A 487 5.41 34.35 33.91
CA TYR A 487 6.18 33.65 34.92
C TYR A 487 6.75 32.36 34.34
N MET A 488 8.07 32.20 34.44
CA MET A 488 8.75 30.99 34.01
C MET A 488 8.23 29.81 34.79
N LYS A 489 7.92 28.73 34.07
CA LYS A 489 7.52 27.47 34.70
C LYS A 489 8.78 26.62 34.92
N GLU A 490 8.65 25.50 35.61
CA GLU A 490 9.82 24.63 35.80
C GLU A 490 10.42 24.16 34.44
N SER A 491 9.56 23.89 33.48
CA SER A 491 10.01 23.50 32.15
C SER A 491 10.92 24.58 31.56
N ALA A 492 10.49 25.84 31.65
CA ALA A 492 11.30 26.96 31.12
C ALA A 492 12.64 27.08 31.85
N LYS A 493 12.61 26.85 33.17
CA LYS A 493 13.84 26.91 33.95
C LYS A 493 14.81 25.80 33.58
N TRP A 494 14.30 24.63 33.24
CA TRP A 494 15.16 23.54 32.82
C TRP A 494 15.75 23.84 31.44
N LEU A 495 14.94 24.39 30.54
CA LEU A 495 15.43 24.73 29.21
C LEU A 495 16.55 25.76 29.30
N LYS A 496 16.41 26.71 30.23
CA LYS A 496 17.44 27.73 30.47
C LYS A 496 18.78 27.09 30.88
N GLU A 497 18.72 26.22 31.88
CA GLU A 497 19.86 25.44 32.35
C GLU A 497 20.48 24.60 31.23
N PHE A 498 19.63 23.96 30.46
CA PHE A 498 20.06 23.12 29.34
C PHE A 498 20.82 23.95 28.30
N ASN A 499 20.20 25.03 27.83
CA ASN A 499 20.75 25.87 26.77
C ASN A 499 22.04 26.59 27.17
N THR A 500 22.18 26.95 28.44
CA THR A 500 23.30 27.80 28.90
C THR A 500 24.42 27.03 29.56
N ALA A 501 24.27 25.71 29.75
CA ALA A 501 25.30 24.92 30.40
C ALA A 501 26.31 24.44 29.38
N LYS A 502 27.03 25.25 28.78
N MET B 12 25.77 -25.64 -15.79
CA MET B 12 26.54 -24.41 -15.40
C MET B 12 26.88 -24.41 -13.92
N LEU B 13 26.04 -25.02 -13.09
CA LEU B 13 26.37 -25.17 -11.66
C LEU B 13 27.61 -26.05 -11.50
N SER B 14 28.53 -25.61 -10.65
CA SER B 14 29.71 -26.41 -10.30
C SER B 14 29.27 -27.61 -9.46
N PRO B 15 30.01 -28.71 -9.48
CA PRO B 15 29.59 -29.94 -8.78
C PRO B 15 29.19 -29.79 -7.32
N SER B 16 29.77 -28.83 -6.58
CA SER B 16 29.42 -28.61 -5.18
C SER B 16 28.13 -27.78 -5.05
N GLU B 17 27.76 -27.07 -6.11
CA GLU B 17 26.50 -26.33 -6.17
C GLU B 17 25.27 -27.17 -6.64
N ILE B 18 25.50 -28.30 -7.31
CA ILE B 18 24.39 -29.11 -7.86
C ILE B 18 23.59 -29.77 -6.74
N PRO B 19 22.28 -29.54 -6.68
CA PRO B 19 21.47 -30.11 -5.59
C PRO B 19 21.57 -31.63 -5.49
N GLN B 20 21.65 -32.14 -4.26
CA GLN B 20 21.59 -33.57 -4.00
C GLN B 20 20.31 -33.83 -3.23
N ARG B 21 19.81 -35.05 -3.34
CA ARG B 21 18.54 -35.39 -2.73
C ARG B 21 18.63 -35.35 -1.21
N ASP B 22 19.80 -35.69 -0.64
CA ASP B 22 19.95 -35.63 0.83
C ASP B 22 20.02 -34.20 1.44
N TRP B 23 20.04 -33.18 0.59
CA TRP B 23 19.88 -31.79 1.02
C TRP B 23 18.50 -31.55 1.63
N PHE B 24 17.51 -32.27 1.12
CA PHE B 24 16.13 -32.13 1.56
C PHE B 24 15.79 -33.28 2.49
N PRO B 25 14.82 -33.07 3.37
CA PRO B 25 14.37 -34.15 4.28
C PRO B 25 13.70 -35.34 3.57
N SER B 26 13.58 -36.45 4.27
CA SER B 26 13.15 -37.70 3.65
C SER B 26 11.68 -37.68 3.22
N ASP B 27 10.85 -36.91 3.93
CA ASP B 27 9.43 -36.71 3.57
C ASP B 27 9.16 -35.69 2.44
N PHE B 28 10.19 -34.96 2.02
CA PHE B 28 10.10 -34.04 0.87
C PHE B 28 9.64 -34.79 -0.37
N THR B 29 8.98 -34.11 -1.31
CA THR B 29 8.32 -34.72 -2.45
C THR B 29 8.86 -34.13 -3.75
N PHE B 30 9.34 -34.96 -4.66
CA PHE B 30 9.68 -34.51 -6.01
C PHE B 30 8.77 -35.19 -7.02
N GLY B 31 8.27 -34.43 -7.98
CA GLY B 31 7.32 -34.95 -8.94
C GLY B 31 7.40 -34.27 -10.28
N ALA B 32 6.50 -34.67 -11.15
CA ALA B 32 6.26 -33.99 -12.40
C ALA B 32 4.76 -33.76 -12.56
N ALA B 33 4.38 -32.92 -13.52
CA ALA B 33 3.03 -32.43 -13.62
C ALA B 33 2.58 -32.34 -15.05
N THR B 34 1.26 -32.53 -15.22
CA THR B 34 0.55 -32.39 -16.48
C THR B 34 -0.87 -31.87 -16.21
N SER B 35 -1.60 -31.62 -17.29
CA SER B 35 -3.01 -31.30 -17.26
C SER B 35 -3.75 -32.08 -18.34
N ALA B 36 -5.02 -32.34 -18.09
CA ALA B 36 -5.83 -33.26 -18.89
C ALA B 36 -5.89 -32.83 -20.35
N TYR B 37 -6.31 -31.60 -20.63
CA TYR B 37 -6.44 -31.15 -22.03
C TYR B 37 -5.10 -31.17 -22.77
N GLN B 38 -4.06 -30.84 -22.03
CA GLN B 38 -2.75 -30.74 -22.65
C GLN B 38 -2.14 -32.06 -23.10
N ILE B 39 -2.45 -33.16 -22.40
CA ILE B 39 -1.81 -34.44 -22.69
C ILE B 39 -2.74 -35.55 -23.19
N GLU B 40 -4.02 -35.57 -22.79
CA GLU B 40 -4.84 -36.80 -22.92
C GLU B 40 -5.14 -37.27 -24.35
N GLY B 41 -5.53 -36.34 -25.22
CA GLY B 41 -6.14 -36.68 -26.48
C GLY B 41 -7.46 -37.36 -26.26
N ALA B 42 -7.84 -38.24 -27.19
CA ALA B 42 -9.13 -38.93 -27.14
C ALA B 42 -10.25 -37.95 -26.81
N TRP B 43 -10.29 -36.84 -27.54
CA TRP B 43 -11.13 -35.70 -27.19
C TRP B 43 -12.62 -36.01 -27.25
N ASN B 44 -12.99 -36.97 -28.08
CA ASN B 44 -14.41 -37.34 -28.27
C ASN B 44 -14.65 -38.84 -28.14
N GLU B 45 -13.76 -39.53 -27.45
CA GLU B 45 -13.84 -40.98 -27.31
C GLU B 45 -14.46 -41.39 -25.97
N ASP B 46 -15.13 -42.54 -25.99
CA ASP B 46 -15.65 -43.16 -24.78
C ASP B 46 -16.55 -42.21 -23.99
N GLY B 47 -17.42 -41.55 -24.74
CA GLY B 47 -18.46 -40.74 -24.17
C GLY B 47 -18.02 -39.39 -23.66
N LYS B 48 -16.78 -38.97 -23.94
CA LYS B 48 -16.33 -37.69 -23.42
C LYS B 48 -17.10 -36.57 -24.09
N GLY B 49 -17.55 -35.65 -23.25
CA GLY B 49 -18.18 -34.45 -23.73
C GLY B 49 -17.19 -33.40 -24.20
N GLU B 50 -17.70 -32.47 -24.99
CA GLU B 50 -16.92 -31.39 -25.53
C GLU B 50 -16.56 -30.39 -24.43
N SER B 51 -15.33 -29.87 -24.46
CA SER B 51 -14.90 -28.81 -23.57
C SER B 51 -14.83 -27.47 -24.30
N ASN B 52 -14.69 -26.41 -23.51
CA ASN B 52 -14.40 -25.08 -24.03
C ASN B 52 -13.19 -25.02 -24.95
N TRP B 53 -12.16 -25.79 -24.63
CA TRP B 53 -10.93 -25.80 -25.42
C TRP B 53 -11.10 -26.57 -26.72
N ASP B 54 -11.84 -27.68 -26.67
CA ASP B 54 -12.28 -28.37 -27.89
C ASP B 54 -13.03 -27.40 -28.85
N HIS B 55 -14.06 -26.71 -28.36
CA HIS B 55 -14.85 -25.87 -29.27
C HIS B 55 -14.01 -24.70 -29.74
N PHE B 56 -13.08 -24.26 -28.88
CA PHE B 56 -12.25 -23.11 -29.19
C PHE B 56 -11.29 -23.49 -30.29
N CYS B 57 -10.51 -24.55 -30.12
CA CYS B 57 -9.54 -24.88 -31.15
C CYS B 57 -10.24 -25.18 -32.46
N HIS B 58 -11.47 -25.67 -32.38
CA HIS B 58 -12.13 -26.18 -33.55
C HIS B 58 -13.00 -25.25 -34.36
N ASN B 59 -13.48 -24.20 -33.72
CA ASN B 59 -14.28 -23.20 -34.40
C ASN B 59 -13.46 -22.02 -34.95
N HIS B 60 -12.15 -22.06 -34.76
CA HIS B 60 -11.33 -20.93 -35.19
C HIS B 60 -9.81 -21.32 -34.91
N PRO B 61 -9.29 -22.25 -35.69
CA PRO B 61 -7.88 -22.64 -35.59
C PRO B 61 -6.89 -21.49 -35.80
N GLU B 62 -7.31 -20.42 -36.46
CA GLU B 62 -6.48 -19.25 -36.73
C GLU B 62 -6.05 -18.51 -35.44
N ARG B 63 -6.68 -18.85 -34.31
CA ARG B 63 -6.39 -18.23 -33.02
C ARG B 63 -5.48 -19.09 -32.14
N ILE B 64 -4.94 -20.15 -32.72
CA ILE B 64 -3.83 -20.90 -32.14
C ILE B 64 -2.61 -20.57 -33.00
N LEU B 65 -1.52 -20.18 -32.35
CA LEU B 65 -0.27 -19.80 -33.05
C LEU B 65 0.09 -20.68 -34.26
N ASP B 66 0.05 -21.99 -34.10
CA ASP B 66 0.38 -22.96 -35.16
C ASP B 66 -0.82 -23.68 -35.79
N GLY B 67 -2.02 -23.21 -35.50
CA GLY B 67 -3.22 -23.76 -36.07
C GLY B 67 -3.57 -25.14 -35.55
N SER B 68 -2.95 -25.53 -34.45
CA SER B 68 -3.11 -26.90 -33.92
C SER B 68 -4.20 -26.99 -32.85
N ASN B 69 -4.38 -28.21 -32.36
CA ASN B 69 -5.32 -28.51 -31.29
C ASN B 69 -4.79 -29.66 -30.46
N SER B 70 -5.51 -30.03 -29.40
CA SER B 70 -5.13 -31.18 -28.59
C SER B 70 -6.11 -32.35 -28.75
N ASP B 71 -6.56 -32.56 -29.99
CA ASP B 71 -7.34 -33.73 -30.34
C ASP B 71 -6.58 -35.00 -29.95
N ILE B 72 -5.25 -34.97 -30.12
CA ILE B 72 -4.36 -36.06 -29.72
C ILE B 72 -3.51 -35.72 -28.49
N GLY B 73 -2.93 -34.52 -28.47
CA GLY B 73 -2.07 -34.10 -27.38
C GLY B 73 -0.82 -34.98 -27.31
N ALA B 74 -0.60 -35.62 -26.16
CA ALA B 74 0.44 -36.65 -26.02
C ALA B 74 -0.17 -38.06 -25.94
N ASN B 75 -1.46 -38.15 -26.27
CA ASN B 75 -2.21 -39.41 -26.28
C ASN B 75 -2.10 -40.17 -24.99
N SER B 76 -2.16 -39.47 -23.86
CA SER B 76 -1.98 -40.12 -22.57
C SER B 76 -3.23 -40.86 -22.10
N TYR B 77 -4.37 -40.60 -22.74
CA TYR B 77 -5.57 -41.39 -22.44
C TYR B 77 -5.31 -42.86 -22.78
N HIS B 78 -4.63 -43.07 -23.90
CA HIS B 78 -4.25 -44.40 -24.40
C HIS B 78 -2.87 -44.87 -23.91
N MET B 79 -1.98 -43.92 -23.59
CA MET B 79 -0.58 -44.24 -23.26
C MET B 79 -0.22 -44.02 -21.79
N TYR B 80 -1.22 -43.99 -20.92
CA TYR B 80 -1.00 -43.65 -19.51
C TYR B 80 -0.07 -44.62 -18.78
N LYS B 81 -0.04 -45.87 -19.20
CA LYS B 81 0.80 -46.87 -18.56
C LYS B 81 2.27 -46.49 -18.72
N THR B 82 2.60 -45.95 -19.88
CA THR B 82 3.94 -45.51 -20.15
C THR B 82 4.29 -44.24 -19.36
N ASP B 83 3.31 -43.36 -19.14
CA ASP B 83 3.54 -42.17 -18.30
C ASP B 83 3.94 -42.64 -16.89
N VAL B 84 3.22 -43.62 -16.36
CA VAL B 84 3.53 -44.12 -15.04
C VAL B 84 4.88 -44.83 -15.01
N ARG B 85 5.21 -45.56 -16.09
CA ARG B 85 6.48 -46.27 -16.19
C ARG B 85 7.66 -45.30 -16.11
N LEU B 86 7.51 -44.14 -16.75
CA LEU B 86 8.57 -43.11 -16.77
C LEU B 86 8.74 -42.43 -15.39
N LEU B 87 7.62 -42.09 -14.76
CA LEU B 87 7.64 -41.57 -13.40
C LEU B 87 8.37 -42.50 -12.44
N LYS B 88 8.10 -43.81 -12.56
CA LYS B 88 8.72 -44.83 -11.69
C LYS B 88 10.23 -44.90 -11.93
N GLU B 89 10.63 -44.89 -13.19
CA GLU B 89 12.05 -44.90 -13.58
C GLU B 89 12.81 -43.74 -12.96
N MET B 90 12.18 -42.57 -12.97
CA MET B 90 12.82 -41.37 -12.45
C MET B 90 12.83 -41.33 -10.92
N GLY B 91 12.13 -42.26 -10.28
CA GLY B 91 12.08 -42.34 -8.83
C GLY B 91 11.22 -41.22 -8.28
N MET B 92 10.34 -40.66 -9.11
CA MET B 92 9.47 -39.57 -8.64
C MET B 92 8.61 -40.04 -7.47
N ASP B 93 8.47 -39.17 -6.49
CA ASP B 93 7.65 -39.47 -5.34
C ASP B 93 6.17 -39.27 -5.64
N ALA B 94 5.87 -38.41 -6.60
CA ALA B 94 4.50 -38.00 -6.90
C ALA B 94 4.31 -37.60 -8.37
N TYR B 95 3.04 -37.52 -8.76
CA TYR B 95 2.61 -37.09 -10.09
C TYR B 95 1.39 -36.21 -9.92
N ARG B 96 1.50 -34.96 -10.34
CA ARG B 96 0.32 -34.10 -10.36
C ARG B 96 -0.29 -34.15 -11.75
N PHE B 97 -1.55 -34.59 -11.83
CA PHE B 97 -2.31 -34.58 -13.07
C PHE B 97 -3.71 -33.97 -12.86
N SER B 98 -4.43 -33.67 -13.94
CA SER B 98 -5.78 -33.15 -13.79
C SER B 98 -6.84 -34.07 -14.37
N ILE B 99 -8.06 -33.92 -13.86
CA ILE B 99 -9.18 -34.71 -14.30
C ILE B 99 -10.01 -33.86 -15.22
N SER B 100 -10.39 -34.41 -16.37
CA SER B 100 -11.20 -33.69 -17.37
C SER B 100 -12.67 -33.69 -16.96
N TRP B 101 -13.21 -32.51 -16.63
CA TRP B 101 -14.61 -32.38 -16.21
C TRP B 101 -15.57 -32.99 -17.26
N PRO B 102 -15.47 -32.61 -18.53
CA PRO B 102 -16.37 -33.17 -19.55
C PRO B 102 -16.14 -34.67 -19.81
N ARG B 103 -14.96 -35.21 -19.48
CA ARG B 103 -14.75 -36.63 -19.61
C ARG B 103 -15.55 -37.42 -18.54
N ILE B 104 -15.71 -36.86 -17.35
CA ILE B 104 -16.47 -37.51 -16.25
C ILE B 104 -17.97 -37.20 -16.29
N LEU B 105 -18.28 -35.95 -16.62
CA LEU B 105 -19.61 -35.41 -16.70
C LEU B 105 -19.79 -34.73 -18.05
N PRO B 106 -20.13 -35.51 -19.07
CA PRO B 106 -20.16 -35.00 -20.45
C PRO B 106 -21.02 -33.76 -20.70
N LYS B 107 -22.09 -33.58 -19.95
CA LYS B 107 -22.94 -32.38 -20.08
C LYS B 107 -22.66 -31.38 -18.94
N GLY B 108 -21.70 -31.70 -18.08
CA GLY B 108 -21.31 -30.83 -16.98
C GLY B 108 -22.13 -30.95 -15.70
N THR B 109 -23.32 -31.54 -15.81
CA THR B 109 -24.31 -31.57 -14.72
C THR B 109 -24.57 -32.98 -14.20
N LYS B 110 -25.09 -33.06 -12.98
CA LYS B 110 -25.56 -34.32 -12.39
C LYS B 110 -26.59 -35.00 -13.29
N GLU B 111 -27.51 -34.22 -13.84
CA GLU B 111 -28.62 -34.77 -14.63
C GLU B 111 -28.10 -35.42 -15.93
N GLY B 112 -27.06 -34.84 -16.51
CA GLY B 112 -26.42 -35.39 -17.69
C GLY B 112 -25.81 -36.77 -17.49
N GLY B 113 -25.38 -37.07 -16.27
CA GLY B 113 -24.91 -38.40 -15.92
C GLY B 113 -23.40 -38.50 -15.88
N ILE B 114 -22.92 -39.45 -15.09
CA ILE B 114 -21.51 -39.75 -14.95
C ILE B 114 -21.10 -40.68 -16.10
N ASN B 115 -19.96 -40.42 -16.74
CA ASN B 115 -19.42 -41.24 -17.84
C ASN B 115 -18.53 -42.33 -17.30
N PRO B 116 -18.99 -43.60 -17.26
CA PRO B 116 -18.24 -44.70 -16.63
C PRO B 116 -16.82 -44.91 -17.20
N ASP B 117 -16.65 -44.80 -18.51
CA ASP B 117 -15.30 -44.95 -19.08
C ASP B 117 -14.35 -43.81 -18.64
N GLY B 118 -14.94 -42.66 -18.31
CA GLY B 118 -14.19 -41.53 -17.76
C GLY B 118 -13.67 -41.88 -16.36
N ILE B 119 -14.58 -42.31 -15.50
CA ILE B 119 -14.24 -42.72 -14.13
C ILE B 119 -13.17 -43.80 -14.13
N LYS B 120 -13.30 -44.75 -15.07
CA LYS B 120 -12.50 -45.96 -15.10
C LYS B 120 -11.07 -45.58 -15.53
N TYR B 121 -10.97 -44.61 -16.43
CA TYR B 121 -9.65 -44.12 -16.81
C TYR B 121 -8.88 -43.64 -15.58
N TYR B 122 -9.42 -42.64 -14.87
CA TYR B 122 -8.70 -42.04 -13.75
C TYR B 122 -8.50 -43.05 -12.62
N ARG B 123 -9.43 -44.00 -12.50
CA ARG B 123 -9.31 -45.09 -11.54
C ARG B 123 -8.10 -45.94 -11.89
N ASN B 124 -7.96 -46.32 -13.16
CA ASN B 124 -6.82 -47.12 -13.59
C ASN B 124 -5.50 -46.40 -13.42
N LEU B 125 -5.45 -45.13 -13.85
CA LEU B 125 -4.27 -44.32 -13.67
C LEU B 125 -3.89 -44.23 -12.16
N ILE B 126 -4.86 -43.89 -11.30
CA ILE B 126 -4.54 -43.71 -9.87
C ILE B 126 -4.04 -44.99 -9.27
N ASN B 127 -4.71 -46.11 -9.58
CA ASN B 127 -4.37 -47.40 -8.98
C ASN B 127 -2.96 -47.80 -9.38
N LEU B 128 -2.64 -47.62 -10.66
CA LEU B 128 -1.30 -47.91 -11.18
C LEU B 128 -0.18 -47.06 -10.56
N LEU B 129 -0.43 -45.78 -10.33
CA LEU B 129 0.55 -44.93 -9.68
C LEU B 129 0.90 -45.49 -8.29
N LEU B 130 -0.15 -45.84 -7.55
CA LEU B 130 -0.01 -46.28 -6.17
C LEU B 130 0.64 -47.66 -6.05
N GLU B 131 0.37 -48.52 -7.03
CA GLU B 131 1.04 -49.82 -7.14
C GLU B 131 2.55 -49.62 -7.34
N ASN B 132 2.90 -48.53 -8.04
CA ASN B 132 4.29 -48.15 -8.28
C ASN B 132 4.90 -47.20 -7.22
N GLY B 133 4.18 -46.98 -6.11
CA GLY B 133 4.69 -46.17 -5.00
C GLY B 133 4.75 -44.67 -5.27
N ILE B 134 3.96 -44.23 -6.26
CA ILE B 134 3.88 -42.83 -6.67
C ILE B 134 2.58 -42.22 -6.17
N GLU B 135 2.67 -41.08 -5.51
CA GLU B 135 1.54 -40.49 -4.83
C GLU B 135 0.81 -39.56 -5.79
N PRO B 136 -0.48 -39.79 -6.04
CA PRO B 136 -1.24 -38.86 -6.89
C PRO B 136 -1.60 -37.56 -6.20
N TYR B 137 -1.33 -36.45 -6.89
CA TYR B 137 -1.77 -35.12 -6.47
C TYR B 137 -2.75 -34.69 -7.58
N VAL B 138 -4.03 -34.69 -7.26
CA VAL B 138 -5.06 -34.62 -8.27
C VAL B 138 -5.62 -33.20 -8.35
N THR B 139 -5.48 -32.58 -9.51
CA THR B 139 -6.03 -31.28 -9.76
C THR B 139 -7.41 -31.47 -10.34
N ILE B 140 -8.41 -30.93 -9.67
CA ILE B 140 -9.79 -31.12 -10.10
C ILE B 140 -10.11 -30.39 -11.40
N PHE B 141 -9.65 -29.14 -11.54
CA PHE B 141 -10.01 -28.34 -12.71
C PHE B 141 -8.79 -27.61 -13.26
N HIS B 142 -8.46 -27.86 -14.52
CA HIS B 142 -7.40 -27.16 -15.21
C HIS B 142 -7.93 -26.64 -16.55
N TRP B 143 -8.94 -25.78 -16.43
CA TRP B 143 -9.36 -24.82 -17.47
C TRP B 143 -10.35 -25.40 -18.47
N ASP B 144 -10.64 -26.70 -18.35
CA ASP B 144 -11.41 -27.45 -19.34
C ASP B 144 -12.87 -27.56 -18.86
N VAL B 145 -13.61 -26.50 -19.09
CA VAL B 145 -15.01 -26.40 -18.69
C VAL B 145 -15.80 -27.13 -19.75
N PRO B 146 -16.76 -27.96 -19.36
CA PRO B 146 -17.67 -28.54 -20.34
C PRO B 146 -18.39 -27.45 -21.17
N GLN B 147 -18.40 -27.62 -22.49
CA GLN B 147 -18.98 -26.63 -23.40
C GLN B 147 -20.50 -26.48 -23.18
N ALA B 148 -21.13 -27.51 -22.64
CA ALA B 148 -22.56 -27.46 -22.29
C ALA B 148 -22.80 -26.38 -21.23
N LEU B 149 -21.89 -26.27 -20.28
CA LEU B 149 -22.03 -25.27 -19.21
C LEU B 149 -21.73 -23.88 -19.74
N GLU B 150 -20.79 -23.80 -20.67
CA GLU B 150 -20.49 -22.55 -21.35
C GLU B 150 -21.72 -22.02 -22.10
N GLU B 151 -22.40 -22.91 -22.83
CA GLU B 151 -23.59 -22.48 -23.59
C GLU B 151 -24.79 -22.15 -22.71
N LYS B 152 -24.92 -22.86 -21.59
CA LYS B 152 -26.03 -22.67 -20.66
C LYS B 152 -25.94 -21.31 -19.97
N TYR B 153 -24.83 -21.05 -19.30
CA TYR B 153 -24.70 -19.84 -18.48
C TYR B 153 -23.32 -19.16 -18.54
N GLY B 154 -22.49 -19.52 -19.51
CA GLY B 154 -21.17 -18.95 -19.68
C GLY B 154 -20.06 -19.53 -18.78
N GLY B 155 -20.30 -20.71 -18.22
CA GLY B 155 -19.36 -21.35 -17.29
C GLY B 155 -19.02 -20.46 -16.10
N PHE B 156 -17.75 -20.13 -15.93
CA PHE B 156 -17.31 -19.30 -14.80
C PHE B 156 -17.70 -17.83 -14.93
N LEU B 157 -18.24 -17.44 -16.07
CA LEU B 157 -18.88 -16.13 -16.24
C LEU B 157 -20.28 -15.99 -15.58
N ASP B 158 -20.79 -17.08 -15.04
CA ASP B 158 -22.13 -17.14 -14.41
C ASP B 158 -22.48 -15.98 -13.48
N LYS B 159 -23.33 -15.08 -13.97
CA LYS B 159 -23.69 -13.87 -13.23
C LYS B 159 -24.50 -14.17 -11.95
N SER B 160 -25.10 -15.35 -11.88
CA SER B 160 -25.86 -15.76 -10.70
C SER B 160 -24.99 -16.15 -9.52
N HIS B 161 -23.71 -16.43 -9.76
CA HIS B 161 -22.79 -16.88 -8.71
C HIS B 161 -23.35 -18.08 -7.94
N LYS B 162 -24.07 -18.94 -8.64
CA LYS B 162 -24.79 -20.05 -8.03
C LYS B 162 -24.69 -21.32 -8.91
N SER B 163 -25.11 -21.24 -10.17
CA SER B 163 -25.11 -22.42 -11.05
C SER B 163 -23.73 -23.05 -11.30
N ILE B 164 -22.71 -22.25 -11.61
CA ILE B 164 -21.38 -22.79 -11.79
C ILE B 164 -20.83 -23.38 -10.48
N VAL B 165 -21.18 -22.75 -9.36
CA VAL B 165 -20.71 -23.21 -8.05
C VAL B 165 -21.33 -24.56 -7.73
N GLU B 166 -22.62 -24.70 -8.00
CA GLU B 166 -23.33 -25.96 -7.78
C GLU B 166 -22.77 -27.08 -8.67
N ASP B 167 -22.56 -26.78 -9.94
CA ASP B 167 -22.10 -27.79 -10.91
C ASP B 167 -20.63 -28.18 -10.64
N TYR B 168 -19.80 -27.21 -10.27
CA TYR B 168 -18.40 -27.53 -9.96
C TYR B 168 -18.35 -28.38 -8.70
N THR B 169 -19.20 -28.02 -7.74
CA THR B 169 -19.21 -28.71 -6.47
C THR B 169 -19.65 -30.18 -6.68
N TYR B 170 -20.66 -30.41 -7.50
CA TYR B 170 -21.06 -31.79 -7.80
C TYR B 170 -19.91 -32.54 -8.50
N PHE B 171 -19.21 -31.87 -9.42
CA PHE B 171 -18.06 -32.47 -10.10
C PHE B 171 -17.03 -32.91 -9.06
N ALA B 172 -16.69 -32.02 -8.13
CA ALA B 172 -15.81 -32.38 -7.02
C ALA B 172 -16.30 -33.59 -6.24
N LYS B 173 -17.59 -33.59 -5.91
CA LYS B 173 -18.23 -34.69 -5.21
C LYS B 173 -18.04 -36.00 -5.97
N VAL B 174 -18.31 -36.00 -7.26
CA VAL B 174 -18.05 -37.19 -8.07
C VAL B 174 -16.60 -37.66 -7.93
N CYS B 175 -15.63 -36.75 -8.00
CA CYS B 175 -14.23 -37.13 -7.83
C CYS B 175 -13.94 -37.70 -6.41
N PHE B 176 -14.50 -37.07 -5.39
CA PHE B 176 -14.28 -37.50 -4.02
C PHE B 176 -14.90 -38.87 -3.80
N ASP B 177 -16.13 -39.06 -4.28
CA ASP B 177 -16.84 -40.35 -4.17
C ASP B 177 -16.05 -41.46 -4.86
N ASN B 178 -15.54 -41.17 -6.06
CA ASN B 178 -14.94 -42.23 -6.89
C ASN B 178 -13.47 -42.50 -6.63
N PHE B 179 -12.75 -41.51 -6.09
CA PHE B 179 -11.31 -41.63 -5.91
C PHE B 179 -10.82 -41.28 -4.51
N GLY B 180 -11.70 -40.84 -3.62
CA GLY B 180 -11.30 -40.28 -2.33
C GLY B 180 -10.63 -41.26 -1.38
N ASP B 181 -10.91 -42.54 -1.60
CA ASP B 181 -10.29 -43.62 -0.84
C ASP B 181 -8.82 -43.83 -1.20
N LYS B 182 -8.44 -43.46 -2.42
CA LYS B 182 -7.08 -43.64 -2.92
C LYS B 182 -6.25 -42.33 -2.97
N VAL B 183 -6.92 -41.19 -3.07
CA VAL B 183 -6.25 -39.89 -3.21
C VAL B 183 -6.17 -39.17 -1.86
N LYS B 184 -4.98 -38.70 -1.52
CA LYS B 184 -4.75 -37.97 -0.27
C LYS B 184 -4.39 -36.48 -0.47
N ASN B 185 -4.36 -36.04 -1.73
CA ASN B 185 -3.88 -34.70 -2.06
C ASN B 185 -4.70 -34.18 -3.23
N TRP B 186 -5.54 -33.18 -2.95
CA TRP B 186 -6.46 -32.61 -3.93
C TRP B 186 -6.14 -31.13 -4.13
N LEU B 187 -6.24 -30.67 -5.36
CA LEU B 187 -6.16 -29.24 -5.63
C LEU B 187 -7.39 -28.88 -6.44
N THR B 188 -8.16 -27.90 -5.98
CA THR B 188 -9.42 -27.54 -6.66
C THR B 188 -9.20 -26.87 -8.00
N PHE B 189 -8.25 -25.94 -8.00
CA PHE B 189 -7.93 -25.11 -9.15
C PHE B 189 -6.41 -25.01 -9.36
N ASN B 190 -6.03 -24.69 -10.58
CA ASN B 190 -4.66 -24.48 -10.95
C ASN B 190 -4.57 -23.27 -11.87
N ASP B 191 -3.67 -22.34 -11.56
CA ASP B 191 -3.46 -21.16 -12.38
C ASP B 191 -4.74 -20.32 -12.55
N PRO B 192 -5.44 -19.99 -11.45
CA PRO B 192 -6.65 -19.17 -11.55
C PRO B 192 -6.42 -17.77 -12.15
N GLN B 193 -5.30 -17.12 -11.85
CA GLN B 193 -5.06 -15.79 -12.35
C GLN B 193 -4.86 -15.86 -13.86
N THR B 194 -4.14 -16.86 -14.33
CA THR B 194 -3.88 -16.98 -15.76
C THR B 194 -5.17 -17.34 -16.49
N PHE B 195 -5.93 -18.30 -15.97
CA PHE B 195 -7.21 -18.66 -16.57
C PHE B 195 -8.14 -17.46 -16.73
N THR B 196 -8.32 -16.67 -15.68
CA THR B 196 -9.23 -15.51 -15.74
C THR B 196 -8.69 -14.38 -16.60
N SER B 197 -7.42 -14.03 -16.40
CA SER B 197 -6.85 -12.89 -17.12
C SER B 197 -6.63 -13.15 -18.61
N VAL B 198 -6.30 -14.37 -18.97
CA VAL B 198 -5.94 -14.67 -20.37
C VAL B 198 -7.15 -15.14 -21.18
N SER B 199 -8.11 -15.80 -20.52
CA SER B 199 -9.32 -16.27 -21.18
C SER B 199 -10.36 -15.14 -21.37
N TYR B 200 -10.39 -14.19 -20.45
CA TYR B 200 -11.42 -13.16 -20.42
C TYR B 200 -10.91 -11.71 -20.38
N GLY B 201 -9.61 -11.53 -20.30
CA GLY B 201 -9.02 -10.20 -20.32
C GLY B 201 -8.35 -9.95 -21.65
N THR B 202 -7.26 -10.64 -21.89
CA THR B 202 -6.62 -10.52 -23.21
C THR B 202 -7.36 -11.36 -24.22
N GLY B 203 -8.14 -12.34 -23.74
CA GLY B 203 -8.83 -13.27 -24.62
C GLY B 203 -7.97 -14.15 -25.55
N VAL B 204 -6.71 -14.38 -25.22
CA VAL B 204 -5.89 -15.27 -26.07
C VAL B 204 -6.26 -16.74 -25.87
N PHE B 205 -6.73 -17.07 -24.66
CA PHE B 205 -7.15 -18.42 -24.29
C PHE B 205 -8.69 -18.58 -24.39
N ALA B 206 -9.14 -19.81 -24.63
CA ALA B 206 -10.58 -20.16 -24.69
C ALA B 206 -11.36 -19.63 -23.49
N PRO B 207 -12.54 -19.01 -23.70
CA PRO B 207 -13.27 -18.96 -24.97
C PRO B 207 -12.87 -17.83 -25.89
N GLY B 208 -11.91 -17.01 -25.45
CA GLY B 208 -11.31 -15.98 -26.26
C GLY B 208 -12.06 -14.66 -26.22
N ARG B 209 -12.44 -14.23 -25.02
CA ARG B 209 -13.22 -13.01 -24.84
C ARG B 209 -12.40 -11.80 -24.33
N CYS B 210 -12.69 -10.63 -24.87
CA CYS B 210 -12.05 -9.37 -24.48
C CYS B 210 -12.93 -8.15 -24.77
N SER B 211 -12.52 -6.98 -24.28
CA SER B 211 -13.26 -5.76 -24.50
C SER B 211 -13.30 -5.44 -25.99
N PRO B 212 -14.37 -4.79 -26.45
CA PRO B 212 -14.35 -4.18 -27.77
C PRO B 212 -13.13 -3.27 -27.89
N GLY B 213 -12.42 -3.31 -29.01
CA GLY B 213 -11.21 -2.53 -29.20
C GLY B 213 -9.92 -3.27 -28.85
N LEU B 214 -10.05 -4.52 -28.41
CA LEU B 214 -8.93 -5.43 -28.27
C LEU B 214 -9.09 -6.55 -29.26
N ASP B 215 -7.97 -7.20 -29.55
CA ASP B 215 -7.96 -8.25 -30.55
C ASP B 215 -8.06 -9.64 -29.95
N CYS B 216 -9.24 -10.24 -30.06
CA CYS B 216 -9.45 -11.64 -29.71
C CYS B 216 -10.59 -12.19 -30.53
N ALA B 217 -10.84 -13.48 -30.37
CA ALA B 217 -11.89 -14.19 -31.07
C ALA B 217 -13.26 -13.54 -30.87
N TYR B 218 -13.57 -13.14 -29.62
CA TYR B 218 -14.85 -12.52 -29.28
C TYR B 218 -14.65 -11.23 -28.51
N PRO B 219 -14.41 -10.14 -29.23
CA PRO B 219 -14.23 -8.83 -28.62
C PRO B 219 -15.55 -8.15 -28.19
N THR B 220 -16.43 -8.92 -27.56
CA THR B 220 -17.72 -8.43 -27.07
C THR B 220 -17.86 -8.68 -25.57
N GLY B 221 -16.74 -8.94 -24.89
CA GLY B 221 -16.74 -9.01 -23.45
C GLY B 221 -16.41 -7.73 -22.73
N ASN B 222 -15.76 -7.88 -21.58
CA ASN B 222 -15.29 -6.75 -20.81
C ASN B 222 -14.07 -7.18 -19.98
N SER B 223 -12.89 -6.82 -20.46
CA SER B 223 -11.59 -7.19 -19.87
C SER B 223 -11.34 -6.63 -18.45
N LEU B 224 -12.15 -5.65 -18.05
CA LEU B 224 -12.05 -5.01 -16.75
C LEU B 224 -13.03 -5.64 -15.75
N VAL B 225 -13.95 -6.48 -16.23
CA VAL B 225 -14.99 -7.07 -15.38
C VAL B 225 -15.02 -8.60 -15.44
N GLU B 226 -15.09 -9.17 -16.64
CA GLU B 226 -15.21 -10.63 -16.78
C GLU B 226 -14.13 -11.46 -16.04
N PRO B 227 -12.86 -11.05 -16.07
CA PRO B 227 -11.84 -11.77 -15.28
C PRO B 227 -12.18 -11.82 -13.80
N TYR B 228 -12.67 -10.72 -13.26
CA TYR B 228 -13.07 -10.67 -11.85
C TYR B 228 -14.33 -11.48 -11.58
N THR B 229 -15.27 -11.48 -12.53
CA THR B 229 -16.48 -12.29 -12.38
C THR B 229 -16.12 -13.77 -12.30
N ALA B 230 -15.29 -14.20 -13.24
CA ALA B 230 -14.82 -15.59 -13.31
C ALA B 230 -14.00 -15.93 -12.08
N GLY B 231 -13.14 -14.99 -11.68
CA GLY B 231 -12.36 -15.15 -10.45
C GLY B 231 -13.20 -15.34 -9.20
N HIS B 232 -14.27 -14.57 -9.03
CA HIS B 232 -15.02 -14.73 -7.79
C HIS B 232 -15.80 -16.05 -7.87
N ASN B 233 -16.20 -16.50 -9.09
CA ASN B 233 -16.89 -17.78 -9.19
C ASN B 233 -15.94 -18.92 -8.82
N ILE B 234 -14.70 -18.80 -9.24
CA ILE B 234 -13.69 -19.80 -8.89
C ILE B 234 -13.55 -19.90 -7.39
N LEU B 235 -13.49 -18.75 -6.72
CA LEU B 235 -13.30 -18.72 -5.28
C LEU B 235 -14.53 -19.27 -4.55
N LEU B 236 -15.74 -18.94 -5.02
CA LEU B 236 -16.94 -19.49 -4.42
C LEU B 236 -16.99 -21.00 -4.66
N ALA B 237 -16.55 -21.46 -5.83
CA ALA B 237 -16.53 -22.88 -6.11
C ALA B 237 -15.50 -23.63 -5.27
N HIS B 238 -14.28 -23.10 -5.12
CA HIS B 238 -13.28 -23.80 -4.31
C HIS B 238 -13.83 -23.91 -2.85
N ALA B 239 -14.52 -22.87 -2.35
CA ALA B 239 -14.90 -22.83 -0.90
C ALA B 239 -15.96 -23.85 -0.66
N GLU B 240 -16.84 -23.98 -1.64
CA GLU B 240 -17.95 -24.91 -1.55
C GLU B 240 -17.40 -26.35 -1.61
N ALA B 241 -16.42 -26.59 -2.48
CA ALA B 241 -15.80 -27.92 -2.62
C ALA B 241 -14.95 -28.33 -1.41
N VAL B 242 -14.23 -27.38 -0.85
CA VAL B 242 -13.41 -27.63 0.34
C VAL B 242 -14.33 -27.92 1.54
N ASP B 243 -15.45 -27.22 1.58
CA ASP B 243 -16.48 -27.38 2.61
C ASP B 243 -17.08 -28.78 2.52
N LEU B 244 -17.45 -29.20 1.31
CA LEU B 244 -17.95 -30.56 1.08
C LEU B 244 -16.91 -31.59 1.51
N TYR B 245 -15.67 -31.41 1.04
CA TYR B 245 -14.53 -32.25 1.40
C TYR B 245 -14.30 -32.35 2.90
N ASN B 246 -14.36 -31.24 3.63
CA ASN B 246 -14.12 -31.26 5.08
C ASN B 246 -15.20 -32.06 5.83
N LYS B 247 -16.43 -32.02 5.34
CA LYS B 247 -17.53 -32.67 6.05
C LYS B 247 -17.52 -34.20 5.92
N HIS B 248 -17.33 -34.68 4.68
CA HIS B 248 -17.58 -36.08 4.35
C HIS B 248 -16.36 -36.89 3.91
N TYR B 249 -15.28 -36.23 3.50
CA TYR B 249 -14.18 -36.94 2.85
C TYR B 249 -12.81 -36.75 3.48
N LYS B 250 -12.56 -35.62 4.14
CA LYS B 250 -11.25 -35.37 4.73
C LYS B 250 -10.97 -36.42 5.83
N ARG B 251 -9.76 -36.97 5.78
CA ARG B 251 -9.20 -37.82 6.81
C ARG B 251 -7.95 -37.15 7.34
N ASP B 252 -7.41 -37.67 8.43
CA ASP B 252 -6.25 -37.06 9.10
C ASP B 252 -5.00 -36.87 8.25
N ASP B 253 -4.80 -37.74 7.28
CA ASP B 253 -3.59 -37.71 6.45
C ASP B 253 -3.86 -37.24 5.02
N THR B 254 -5.01 -36.64 4.78
CA THR B 254 -5.30 -36.02 3.47
C THR B 254 -5.42 -34.51 3.54
N ARG B 255 -5.27 -33.89 2.38
CA ARG B 255 -5.11 -32.45 2.31
C ARG B 255 -5.78 -31.95 1.02
N ILE B 256 -6.30 -30.73 1.08
CA ILE B 256 -6.90 -30.09 -0.09
C ILE B 256 -6.47 -28.63 -0.14
N GLY B 257 -6.33 -28.08 -1.33
CA GLY B 257 -5.91 -26.69 -1.46
C GLY B 257 -6.08 -26.27 -2.90
N LEU B 258 -5.29 -25.29 -3.32
CA LEU B 258 -5.27 -24.91 -4.72
C LEU B 258 -3.89 -24.37 -5.07
N ALA B 259 -3.64 -24.20 -6.35
CA ALA B 259 -2.31 -23.77 -6.85
C ALA B 259 -2.43 -22.45 -7.61
N PHE B 260 -1.63 -21.46 -7.24
CA PHE B 260 -1.60 -20.12 -7.85
C PHE B 260 -0.46 -19.96 -8.85
N ASP B 261 -0.72 -19.36 -10.00
CA ASP B 261 0.38 -18.85 -10.79
C ASP B 261 0.85 -17.52 -10.25
N VAL B 262 2.17 -17.38 -10.16
CA VAL B 262 2.73 -16.14 -9.71
C VAL B 262 4.07 -15.90 -10.42
N MET B 263 4.20 -14.68 -10.92
CA MET B 263 5.43 -14.12 -11.37
C MET B 263 5.99 -13.30 -10.23
N GLY B 264 7.24 -13.54 -9.86
CA GLY B 264 7.89 -12.74 -8.86
C GLY B 264 7.95 -11.28 -9.30
N ARG B 265 7.99 -10.39 -8.32
CA ARG B 265 7.98 -8.96 -8.56
C ARG B 265 9.12 -8.30 -7.79
N VAL B 266 9.86 -7.42 -8.47
CA VAL B 266 11.01 -6.71 -7.95
C VAL B 266 10.83 -5.24 -8.35
N PRO B 267 11.10 -4.30 -7.45
CA PRO B 267 10.97 -2.89 -7.80
C PRO B 267 11.90 -2.50 -8.94
N TYR B 268 11.39 -1.72 -9.88
CA TYR B 268 12.15 -1.33 -11.07
C TYR B 268 13.38 -0.47 -10.72
N GLY B 269 13.13 0.66 -10.07
CA GLY B 269 14.17 1.56 -9.65
C GLY B 269 14.21 1.65 -8.14
N THR B 270 14.83 2.71 -7.62
CA THR B 270 15.08 2.86 -6.18
C THR B 270 14.03 3.71 -5.45
N SER B 271 13.14 4.32 -6.21
CA SER B 271 12.07 5.12 -5.65
C SER B 271 11.11 4.25 -4.83
N PHE B 272 10.67 4.81 -3.71
CA PHE B 272 9.59 4.22 -2.92
C PHE B 272 8.34 3.98 -3.77
N LEU B 273 8.17 4.76 -4.82
CA LEU B 273 7.01 4.52 -5.69
C LEU B 273 7.02 3.13 -6.34
N ASP B 274 8.19 2.66 -6.73
CA ASP B 274 8.33 1.33 -7.33
C ASP B 274 8.22 0.20 -6.31
N LYS B 275 8.50 0.48 -5.04
CA LYS B 275 8.25 -0.50 -3.98
C LYS B 275 6.73 -0.63 -3.81
N GLN B 276 6.02 0.50 -3.90
CA GLN B 276 4.55 0.51 -3.82
C GLN B 276 3.94 -0.23 -5.01
N ALA B 277 4.55 -0.04 -6.17
CA ALA B 277 4.13 -0.73 -7.39
C ALA B 277 4.35 -2.22 -7.28
N GLU B 278 5.50 -2.61 -6.75
CA GLU B 278 5.83 -4.01 -6.52
C GLU B 278 4.74 -4.65 -5.68
N GLU B 279 4.34 -3.99 -4.60
CA GLU B 279 3.39 -4.55 -3.65
C GLU B 279 2.02 -4.72 -4.28
N ARG B 280 1.60 -3.73 -5.05
CA ARG B 280 0.36 -3.80 -5.80
C ARG B 280 0.40 -4.96 -6.80
N SER B 281 1.57 -5.23 -7.39
CA SER B 281 1.71 -6.29 -8.39
C SER B 281 1.67 -7.68 -7.72
N TRP B 282 2.30 -7.85 -6.56
CA TRP B 282 2.15 -9.12 -5.82
C TRP B 282 0.66 -9.30 -5.50
N ASP B 283 0.00 -8.22 -5.11
CA ASP B 283 -1.40 -8.31 -4.69
C ASP B 283 -2.30 -8.77 -5.80
N ILE B 284 -2.12 -8.19 -6.99
CA ILE B 284 -3.05 -8.46 -8.09
C ILE B 284 -2.77 -9.83 -8.73
N ASN B 285 -1.56 -10.34 -8.58
CA ASN B 285 -1.17 -11.62 -9.18
C ASN B 285 -1.36 -12.77 -8.15
N LEU B 286 -0.74 -12.63 -7.00
CA LEU B 286 -0.77 -13.67 -5.97
C LEU B 286 -1.95 -13.45 -5.01
N GLY B 287 -2.04 -12.22 -4.52
CA GLY B 287 -3.05 -11.84 -3.56
C GLY B 287 -4.48 -12.05 -3.99
N TRP B 288 -4.76 -11.84 -5.27
CA TRP B 288 -6.12 -11.92 -5.80
C TRP B 288 -6.82 -13.20 -5.33
N PHE B 289 -6.17 -14.35 -5.53
CA PHE B 289 -6.77 -15.63 -5.13
C PHE B 289 -6.30 -16.15 -3.78
N LEU B 290 -5.15 -15.70 -3.33
CA LEU B 290 -4.56 -16.17 -2.07
C LEU B 290 -5.22 -15.54 -0.85
N GLU B 291 -5.37 -14.23 -0.88
CA GLU B 291 -5.86 -13.50 0.26
C GLU B 291 -7.30 -13.91 0.61
N PRO B 292 -8.16 -14.15 -0.36
CA PRO B 292 -9.47 -14.75 -0.04
C PRO B 292 -9.44 -16.08 0.71
N VAL B 293 -8.56 -17.00 0.32
CA VAL B 293 -8.51 -18.31 1.01
C VAL B 293 -7.83 -18.21 2.37
N VAL B 294 -6.96 -17.21 2.54
CA VAL B 294 -6.30 -16.97 3.82
C VAL B 294 -7.26 -16.26 4.79
N ARG B 295 -7.84 -15.13 4.36
CA ARG B 295 -8.59 -14.27 5.31
C ARG B 295 -10.08 -14.06 4.99
N GLY B 296 -10.50 -14.34 3.76
CA GLY B 296 -11.90 -14.34 3.41
C GLY B 296 -12.30 -13.17 2.53
N ASP B 297 -11.33 -12.35 2.13
CA ASP B 297 -11.62 -11.25 1.28
C ASP B 297 -10.41 -10.96 0.37
N TYR B 298 -10.64 -10.19 -0.69
CA TYR B 298 -9.59 -9.79 -1.59
C TYR B 298 -8.61 -8.78 -0.94
N PRO B 299 -7.41 -8.62 -1.50
CA PRO B 299 -6.49 -7.58 -1.03
C PRO B 299 -7.13 -6.18 -1.05
N PHE B 300 -6.79 -5.36 -0.05
CA PHE B 300 -7.27 -4.00 0.05
C PHE B 300 -6.98 -3.27 -1.25
N SER B 301 -5.75 -3.36 -1.75
CA SER B 301 -5.37 -2.63 -2.93
C SER B 301 -6.29 -2.92 -4.13
N MET B 302 -6.64 -4.19 -4.34
CA MET B 302 -7.53 -4.58 -5.42
C MET B 302 -8.91 -3.96 -5.25
N ARG B 303 -9.46 -4.06 -4.05
CA ARG B 303 -10.76 -3.47 -3.76
C ARG B 303 -10.73 -1.97 -3.98
N SER B 304 -9.61 -1.31 -3.66
CA SER B 304 -9.56 0.14 -3.72
C SER B 304 -9.48 0.58 -5.17
N LEU B 305 -8.98 -0.30 -6.04
CA LEU B 305 -8.62 0.10 -7.41
C LEU B 305 -9.61 -0.42 -8.46
N ALA B 306 -10.04 -1.67 -8.30
CA ALA B 306 -11.07 -2.25 -9.15
C ALA B 306 -12.46 -1.82 -8.68
N ARG B 307 -12.60 -1.60 -7.37
CA ARG B 307 -13.86 -1.15 -6.79
C ARG B 307 -15.05 -2.07 -7.14
N GLU B 308 -16.12 -1.49 -7.69
CA GLU B 308 -17.33 -2.21 -8.11
C GLU B 308 -17.12 -3.41 -9.01
N ARG B 309 -16.06 -3.36 -9.83
CA ARG B 309 -15.80 -4.40 -10.83
C ARG B 309 -15.38 -5.69 -10.17
N LEU B 310 -15.04 -5.58 -8.89
CA LEU B 310 -14.65 -6.70 -8.08
C LEU B 310 -15.75 -7.01 -7.07
N PRO B 311 -16.49 -8.10 -7.29
CA PRO B 311 -17.68 -8.38 -6.49
C PRO B 311 -17.39 -8.48 -5.00
N PHE B 312 -18.37 -8.16 -4.16
CA PHE B 312 -18.28 -8.38 -2.70
C PHE B 312 -18.71 -9.80 -2.30
N PHE B 313 -18.00 -10.37 -1.33
CA PHE B 313 -18.45 -11.62 -0.68
C PHE B 313 -19.52 -11.38 0.38
N LYS B 314 -20.51 -12.25 0.41
CA LYS B 314 -21.45 -12.31 1.53
C LYS B 314 -20.69 -12.81 2.76
N ASP B 315 -21.21 -12.55 3.96
CA ASP B 315 -20.51 -12.90 5.19
C ASP B 315 -20.30 -14.41 5.33
N GLU B 316 -21.33 -15.18 5.00
CA GLU B 316 -21.25 -16.63 5.03
C GLU B 316 -20.15 -17.15 4.08
N GLN B 317 -19.93 -16.43 2.97
CA GLN B 317 -18.91 -16.77 1.98
C GLN B 317 -17.50 -16.40 2.45
N LYS B 318 -17.37 -15.31 3.20
CA LYS B 318 -16.10 -14.96 3.84
C LYS B 318 -15.64 -16.04 4.81
N GLU B 319 -16.56 -16.57 5.61
CA GLU B 319 -16.26 -17.58 6.63
C GLU B 319 -15.90 -18.94 6.05
N LYS B 320 -16.55 -19.29 4.95
CA LYS B 320 -16.25 -20.54 4.25
C LYS B 320 -14.91 -20.42 3.53
N LEU B 321 -14.55 -19.21 3.08
CA LEU B 321 -13.30 -19.00 2.32
C LEU B 321 -12.05 -19.04 3.20
N ALA B 322 -12.10 -18.36 4.34
CA ALA B 322 -10.93 -18.13 5.18
C ALA B 322 -10.45 -19.44 5.73
N GLY B 323 -9.19 -19.80 5.52
CA GLY B 323 -8.68 -21.08 6.01
C GLY B 323 -9.06 -22.31 5.19
N SER B 324 -9.52 -22.09 3.95
CA SER B 324 -10.03 -23.17 3.10
C SER B 324 -8.93 -23.98 2.39
N TYR B 325 -7.91 -24.40 3.13
CA TYR B 325 -6.78 -25.12 2.57
C TYR B 325 -5.99 -25.82 3.71
N ASN B 326 -5.32 -26.92 3.36
CA ASN B 326 -4.36 -27.59 4.21
C ASN B 326 -2.97 -27.43 3.62
N MET B 327 -2.92 -26.99 2.37
CA MET B 327 -1.68 -26.85 1.62
C MET B 327 -1.97 -25.98 0.41
N LEU B 328 -0.90 -25.41 -0.14
CA LEU B 328 -1.04 -24.51 -1.25
C LEU B 328 0.03 -24.82 -2.27
N GLY B 329 -0.35 -24.66 -3.55
CA GLY B 329 0.60 -24.75 -4.63
C GLY B 329 0.97 -23.41 -5.18
N LEU B 330 2.22 -23.34 -5.64
CA LEU B 330 2.77 -22.18 -6.33
C LEU B 330 3.33 -22.66 -7.66
N ASN B 331 2.82 -22.09 -8.75
CA ASN B 331 3.33 -22.29 -10.10
C ASN B 331 4.20 -21.13 -10.46
N TYR B 332 5.50 -21.37 -10.57
CA TYR B 332 6.48 -20.29 -10.69
C TYR B 332 7.43 -20.54 -11.86
N TYR B 333 7.57 -19.54 -12.74
CA TYR B 333 8.43 -19.64 -13.89
C TYR B 333 9.46 -18.49 -14.00
N THR B 334 9.07 -17.28 -13.62
CA THR B 334 9.89 -16.13 -13.88
C THR B 334 9.46 -14.94 -13.00
N SER B 335 10.13 -13.82 -13.17
CA SER B 335 9.79 -12.59 -12.44
C SER B 335 9.86 -11.40 -13.37
N ARG B 336 9.38 -10.25 -12.88
CA ARG B 336 9.40 -8.97 -13.60
C ARG B 336 9.76 -7.82 -12.66
N PHE B 337 10.28 -6.73 -13.23
CA PHE B 337 10.45 -5.48 -12.51
C PHE B 337 9.13 -4.72 -12.56
N SER B 338 8.64 -4.26 -11.42
CA SER B 338 7.40 -3.49 -11.37
C SER B 338 7.75 -2.01 -11.31
N LYS B 339 7.14 -1.23 -12.21
CA LYS B 339 7.37 0.20 -12.32
C LYS B 339 6.08 1.00 -12.14
N ASN B 340 6.10 1.93 -11.19
CA ASN B 340 4.98 2.78 -10.86
C ASN B 340 4.30 3.43 -12.05
N ILE B 341 2.98 3.42 -12.02
CA ILE B 341 2.17 4.31 -12.86
C ILE B 341 1.26 5.08 -11.94
N ASP B 342 1.27 6.41 -12.02
CA ASP B 342 0.41 7.23 -11.18
C ASP B 342 -1.03 7.20 -11.68
N ILE B 343 -1.97 7.34 -10.75
CA ILE B 343 -3.35 7.65 -11.12
C ILE B 343 -3.37 9.07 -11.71
N SER B 344 -4.01 9.21 -12.86
CA SER B 344 -4.13 10.50 -13.55
C SER B 344 -5.29 10.44 -14.55
N PRO B 345 -5.74 11.60 -15.04
CA PRO B 345 -6.75 11.59 -16.10
C PRO B 345 -6.15 11.14 -17.45
N ASN B 346 -4.83 11.07 -17.54
CA ASN B 346 -4.15 10.57 -18.73
C ASN B 346 -3.99 9.05 -18.79
N TYR B 347 -4.41 8.34 -17.74
CA TYR B 347 -4.27 6.90 -17.73
C TYR B 347 -5.59 6.24 -17.37
N SER B 348 -5.97 5.25 -18.17
CA SER B 348 -7.17 4.46 -17.92
C SER B 348 -6.86 2.98 -18.12
N PRO B 349 -7.06 2.15 -17.11
CA PRO B 349 -6.92 0.70 -17.27
C PRO B 349 -7.79 0.15 -18.40
N VAL B 350 -7.24 -0.76 -19.19
CA VAL B 350 -7.91 -1.47 -20.28
C VAL B 350 -8.14 -2.95 -19.93
N LEU B 351 -7.08 -3.62 -19.46
CA LEU B 351 -7.13 -4.98 -18.96
C LEU B 351 -7.22 -4.98 -17.43
N ASN B 352 -7.77 -6.04 -16.86
CA ASN B 352 -7.86 -6.20 -15.41
C ASN B 352 -6.49 -6.04 -14.72
N THR B 353 -5.45 -6.58 -15.33
CA THR B 353 -4.12 -6.51 -14.75
C THR B 353 -3.58 -5.05 -14.70
N ASP B 354 -4.14 -4.14 -15.48
CA ASP B 354 -3.73 -2.72 -15.45
C ASP B 354 -4.18 -2.04 -14.15
N ASP B 355 -5.12 -2.66 -13.43
CA ASP B 355 -5.56 -2.14 -12.14
C ASP B 355 -4.47 -2.14 -11.07
N ALA B 356 -3.32 -2.75 -11.35
CA ALA B 356 -2.20 -2.72 -10.42
C ALA B 356 -1.45 -1.39 -10.51
N TYR B 357 -1.70 -0.60 -11.57
CA TYR B 357 -1.02 0.67 -11.79
C TYR B 357 0.50 0.46 -11.77
N ALA B 358 0.92 -0.55 -12.51
CA ALA B 358 2.33 -0.94 -12.60
C ALA B 358 2.64 -1.53 -13.96
N SER B 359 3.65 -1.05 -14.67
CA SER B 359 4.07 -1.77 -15.87
C SER B 359 5.06 -2.84 -15.39
N GLN B 360 5.03 -4.00 -16.04
CA GLN B 360 5.84 -5.15 -15.64
C GLN B 360 6.90 -5.32 -16.74
N GLU B 361 8.13 -4.93 -16.44
CA GLU B 361 9.23 -4.87 -17.39
C GLU B 361 10.18 -6.05 -17.27
N VAL B 362 10.67 -6.53 -18.42
CA VAL B 362 11.71 -7.57 -18.43
C VAL B 362 13.06 -6.98 -18.09
N ASN B 363 13.37 -5.81 -18.66
CA ASN B 363 14.63 -5.12 -18.45
C ASN B 363 14.56 -4.05 -17.38
N GLY B 364 15.53 -4.08 -16.46
CA GLY B 364 15.69 -3.04 -15.45
C GLY B 364 16.17 -1.72 -16.05
N PRO B 365 16.47 -0.75 -15.19
CA PRO B 365 16.91 0.58 -15.63
C PRO B 365 18.24 0.56 -16.39
N ASP B 366 19.06 -0.46 -16.14
CA ASP B 366 20.35 -0.64 -16.84
C ASP B 366 20.23 -1.35 -18.20
N GLY B 367 19.02 -1.55 -18.70
CA GLY B 367 18.80 -2.16 -20.01
C GLY B 367 18.95 -3.68 -20.07
N LYS B 368 19.26 -4.29 -18.93
CA LYS B 368 19.56 -5.71 -18.85
C LYS B 368 18.35 -6.48 -18.34
N PRO B 369 18.10 -7.67 -18.89
CA PRO B 369 16.97 -8.49 -18.47
C PRO B 369 17.08 -8.91 -17.01
N ILE B 370 15.95 -9.14 -16.37
CA ILE B 370 15.92 -9.52 -14.96
C ILE B 370 16.76 -10.79 -14.72
N GLY B 371 16.77 -11.68 -15.70
CA GLY B 371 17.69 -12.82 -15.75
C GLY B 371 17.80 -13.40 -17.15
N PRO B 372 18.65 -14.41 -17.35
CA PRO B 372 18.89 -14.94 -18.71
C PRO B 372 17.61 -15.49 -19.37
N PRO B 373 17.40 -15.18 -20.64
CA PRO B 373 16.23 -15.70 -21.36
C PRO B 373 16.29 -17.21 -21.54
N MET B 374 15.15 -17.87 -21.32
CA MET B 374 15.11 -19.33 -21.44
C MET B 374 14.66 -19.84 -22.82
N GLY B 375 14.30 -18.95 -23.73
CA GLY B 375 14.12 -19.32 -25.14
C GLY B 375 12.75 -18.91 -25.69
N ASN B 376 11.71 -19.08 -24.88
CA ASN B 376 10.37 -18.74 -25.33
C ASN B 376 10.13 -17.23 -25.15
N PRO B 377 8.95 -16.72 -25.52
CA PRO B 377 8.72 -15.27 -25.43
C PRO B 377 8.73 -14.67 -24.02
N TRP B 378 8.56 -15.44 -22.95
CA TRP B 378 8.27 -14.80 -21.66
C TRP B 378 9.06 -15.31 -20.44
N ILE B 379 9.75 -16.43 -20.56
CA ILE B 379 10.45 -17.01 -19.41
C ILE B 379 11.88 -16.49 -19.34
N TYR B 380 12.18 -15.73 -18.28
CA TYR B 380 13.56 -15.34 -17.91
C TYR B 380 13.90 -15.98 -16.57
N MET B 381 15.07 -16.60 -16.47
CA MET B 381 15.46 -17.34 -15.29
C MET B 381 15.79 -16.41 -14.12
N TYR B 382 15.06 -16.54 -13.01
CA TYR B 382 15.26 -15.71 -11.82
C TYR B 382 14.80 -16.47 -10.58
N PRO B 383 15.59 -17.45 -10.15
CA PRO B 383 15.24 -18.25 -8.97
C PRO B 383 15.09 -17.41 -7.70
N GLU B 384 15.77 -16.26 -7.62
CA GLU B 384 15.67 -15.36 -6.47
C GLU B 384 14.23 -14.88 -6.22
N GLY B 385 13.44 -14.76 -7.29
CA GLY B 385 12.06 -14.36 -7.21
C GLY B 385 11.22 -15.43 -6.53
N LEU B 386 11.60 -16.68 -6.72
CA LEU B 386 10.98 -17.79 -6.00
C LEU B 386 11.32 -17.72 -4.51
N LYS B 387 12.57 -17.39 -4.18
CA LYS B 387 12.93 -17.17 -2.75
C LYS B 387 12.07 -16.06 -2.15
N ASP B 388 11.96 -14.94 -2.87
CA ASP B 388 11.16 -13.79 -2.41
C ASP B 388 9.72 -14.25 -2.10
N LEU B 389 9.20 -15.10 -2.97
CA LEU B 389 7.83 -15.53 -2.90
C LEU B 389 7.63 -16.41 -1.68
N LEU B 390 8.57 -17.31 -1.44
CA LEU B 390 8.52 -18.20 -0.28
C LEU B 390 8.68 -17.44 1.05
N MET B 391 9.44 -16.35 1.02
CA MET B 391 9.53 -15.44 2.18
C MET B 391 8.23 -14.67 2.43
N ILE B 392 7.50 -14.33 1.37
CA ILE B 392 6.17 -13.70 1.52
C ILE B 392 5.21 -14.70 2.15
N MET B 393 5.25 -15.94 1.70
CA MET B 393 4.33 -16.94 2.23
C MET B 393 4.63 -17.19 3.70
N LYS B 394 5.91 -17.13 4.06
CA LYS B 394 6.40 -17.40 5.41
C LYS B 394 6.02 -16.28 6.36
N ASN B 395 6.35 -15.05 5.98
CA ASN B 395 6.30 -13.91 6.88
C ASN B 395 4.96 -13.17 6.90
N LYS B 396 4.21 -13.25 5.80
CA LYS B 396 2.96 -12.51 5.67
C LYS B 396 1.76 -13.40 5.83
N TYR B 397 1.82 -14.57 5.21
CA TYR B 397 0.64 -15.39 5.05
C TYR B 397 0.64 -16.67 5.88
N GLY B 398 1.36 -16.65 7.01
CA GLY B 398 1.28 -17.69 8.02
C GLY B 398 2.11 -18.96 7.83
N ASN B 399 3.04 -18.92 6.87
CA ASN B 399 3.92 -20.06 6.57
C ASN B 399 3.25 -21.45 6.41
N PRO B 400 2.24 -21.56 5.55
CA PRO B 400 1.54 -22.84 5.34
C PRO B 400 2.39 -23.84 4.55
N PRO B 401 2.04 -25.12 4.54
CA PRO B 401 2.74 -26.07 3.68
C PRO B 401 2.58 -25.64 2.21
N ILE B 402 3.70 -25.57 1.49
CA ILE B 402 3.75 -25.13 0.11
C ILE B 402 4.34 -26.21 -0.75
N TYR B 403 3.77 -26.41 -1.93
CA TYR B 403 4.37 -27.21 -2.95
C TYR B 403 4.59 -26.31 -4.15
N ILE B 404 5.78 -26.34 -4.74
CA ILE B 404 5.96 -25.75 -6.07
C ILE B 404 5.34 -26.75 -7.05
N THR B 405 4.12 -26.47 -7.47
CA THR B 405 3.35 -27.39 -8.29
C THR B 405 3.64 -27.30 -9.77
N GLU B 406 4.41 -26.26 -10.16
CA GLU B 406 4.89 -26.14 -11.51
C GLU B 406 6.17 -25.33 -11.51
N ASN B 407 7.12 -25.76 -12.35
CA ASN B 407 8.36 -25.01 -12.61
C ASN B 407 9.04 -25.67 -13.84
N GLY B 408 9.48 -24.86 -14.80
CA GLY B 408 10.03 -25.40 -16.03
C GLY B 408 10.23 -24.36 -17.09
N ILE B 409 10.72 -24.76 -18.26
CA ILE B 409 10.88 -23.87 -19.41
C ILE B 409 10.33 -24.52 -20.67
N GLY B 410 10.06 -23.72 -21.69
CA GLY B 410 9.61 -24.22 -22.98
C GLY B 410 10.63 -24.01 -24.08
N ASP B 411 11.06 -25.11 -24.70
CA ASP B 411 11.99 -25.05 -25.81
C ASP B 411 11.17 -24.78 -27.08
N VAL B 412 11.51 -23.73 -27.80
CA VAL B 412 10.78 -23.37 -29.00
C VAL B 412 11.12 -24.36 -30.13
N ASP B 413 10.08 -24.85 -30.78
CA ASP B 413 10.17 -25.83 -31.87
C ASP B 413 9.03 -25.54 -32.83
N THR B 414 9.36 -24.90 -33.95
CA THR B 414 8.36 -24.51 -34.93
C THR B 414 8.65 -24.99 -36.35
N LYS B 415 7.61 -24.96 -37.19
CA LYS B 415 7.73 -25.29 -38.61
C LYS B 415 8.86 -24.51 -39.26
N GLU B 416 8.86 -23.19 -39.03
CA GLU B 416 9.91 -22.29 -39.55
C GLU B 416 11.30 -22.67 -39.03
N THR B 417 11.38 -22.95 -37.72
CA THR B 417 12.63 -23.15 -37.01
C THR B 417 12.54 -24.39 -36.13
N PRO B 418 12.61 -25.55 -36.77
CA PRO B 418 12.47 -26.81 -36.04
C PRO B 418 13.63 -27.09 -35.09
N LEU B 419 13.30 -27.75 -33.99
CA LEU B 419 14.26 -28.20 -33.01
C LEU B 419 14.64 -29.64 -33.40
N PRO B 420 15.88 -29.87 -33.85
CA PRO B 420 16.32 -31.25 -34.13
C PRO B 420 16.17 -32.11 -32.89
N MET B 421 15.77 -33.36 -33.06
CA MET B 421 15.50 -34.22 -31.91
C MET B 421 16.69 -34.37 -30.96
N GLU B 422 17.92 -34.40 -31.49
CA GLU B 422 19.11 -34.49 -30.62
C GLU B 422 19.23 -33.29 -29.68
N ALA B 423 19.06 -32.07 -30.20
CA ALA B 423 19.12 -30.85 -29.38
C ALA B 423 17.97 -30.79 -28.38
N ALA B 424 16.80 -31.30 -28.79
CA ALA B 424 15.61 -31.35 -27.96
C ALA B 424 15.84 -32.21 -26.73
N LEU B 425 16.57 -33.32 -26.90
CA LEU B 425 16.89 -34.21 -25.78
C LEU B 425 18.06 -33.69 -24.96
N ASN B 426 18.96 -32.91 -25.57
CA ASN B 426 20.11 -32.33 -24.86
C ASN B 426 19.72 -31.00 -24.25
N ASP B 427 18.78 -31.05 -23.31
CA ASP B 427 18.09 -29.87 -22.83
C ASP B 427 18.78 -29.31 -21.60
N TYR B 428 20.04 -28.91 -21.80
CA TYR B 428 20.90 -28.46 -20.72
C TYR B 428 20.45 -27.10 -20.14
N LYS B 429 19.82 -26.30 -20.98
CA LYS B 429 19.24 -25.04 -20.54
C LYS B 429 18.15 -25.32 -19.48
N ARG B 430 17.31 -26.31 -19.76
CA ARG B 430 16.22 -26.69 -18.86
C ARG B 430 16.79 -27.33 -17.59
N LEU B 431 17.77 -28.22 -17.78
CA LEU B 431 18.41 -28.90 -16.67
C LEU B 431 18.99 -27.85 -15.71
N ASP B 432 19.68 -26.86 -16.26
CA ASP B 432 20.32 -25.81 -15.47
C ASP B 432 19.26 -25.05 -14.66
N TYR B 433 18.12 -24.77 -15.29
CA TYR B 433 17.07 -23.97 -14.68
C TYR B 433 16.42 -24.77 -13.53
N ILE B 434 16.17 -26.06 -13.75
CA ILE B 434 15.63 -26.95 -12.72
C ILE B 434 16.57 -27.08 -11.53
N GLN B 435 17.85 -27.32 -11.79
CA GLN B 435 18.82 -27.45 -10.70
C GLN B 435 18.90 -26.20 -9.83
N ARG B 436 18.89 -25.02 -10.43
CA ARG B 436 18.98 -23.76 -9.68
C ARG B 436 17.73 -23.48 -8.82
N HIS B 437 16.55 -23.86 -9.33
CA HIS B 437 15.34 -23.61 -8.58
C HIS B 437 15.24 -24.57 -7.41
N ILE B 438 15.63 -25.82 -7.61
CA ILE B 438 15.69 -26.80 -6.51
C ILE B 438 16.69 -26.30 -5.47
N ALA B 439 17.81 -25.75 -5.96
CA ALA B 439 18.83 -25.13 -5.10
C ALA B 439 18.25 -24.01 -4.26
N THR B 440 17.47 -23.14 -4.89
CA THR B 440 16.79 -22.08 -4.18
C THR B 440 15.84 -22.63 -3.10
N LEU B 441 15.22 -23.79 -3.35
CA LEU B 441 14.34 -24.38 -2.34
C LEU B 441 15.10 -24.80 -1.09
N LYS B 442 16.33 -25.27 -1.26
CA LYS B 442 17.15 -25.62 -0.12
C LYS B 442 17.43 -24.34 0.69
N GLU B 443 17.85 -23.29 -0.01
CA GLU B 443 18.13 -22.00 0.63
C GLU B 443 16.90 -21.42 1.34
N SER B 444 15.73 -21.61 0.74
CA SER B 444 14.49 -21.13 1.33
C SER B 444 14.11 -21.90 2.59
N ILE B 445 14.31 -23.23 2.58
CA ILE B 445 14.11 -24.09 3.76
C ILE B 445 14.99 -23.68 4.93
N ASP B 446 16.25 -23.37 4.65
CA ASP B 446 17.19 -22.89 5.68
C ASP B 446 16.76 -21.54 6.25
N LEU B 447 15.99 -20.77 5.48
CA LEU B 447 15.46 -19.50 5.96
C LEU B 447 14.10 -19.67 6.61
N GLY B 448 13.64 -20.92 6.73
CA GLY B 448 12.45 -21.24 7.51
C GLY B 448 11.16 -21.42 6.71
N SER B 449 11.25 -21.45 5.40
CA SER B 449 10.08 -21.70 4.56
C SER B 449 9.47 -23.09 4.81
N ASN B 450 8.14 -23.20 4.75
CA ASN B 450 7.44 -24.49 4.94
C ASN B 450 7.15 -25.22 3.60
N VAL B 451 8.02 -25.00 2.60
CA VAL B 451 7.91 -25.69 1.32
C VAL B 451 8.19 -27.20 1.51
N GLN B 452 7.34 -28.03 0.89
CA GLN B 452 7.37 -29.48 1.08
C GLN B 452 7.57 -30.26 -0.21
N GLY B 453 7.60 -29.61 -1.35
CA GLY B 453 7.80 -30.35 -2.57
C GLY B 453 7.99 -29.51 -3.79
N TYR B 454 8.32 -30.22 -4.87
CA TYR B 454 8.65 -29.62 -6.15
C TYR B 454 8.16 -30.52 -7.26
N PHE B 455 7.43 -29.93 -8.21
CA PHE B 455 6.93 -30.66 -9.36
C PHE B 455 7.40 -29.93 -10.62
N ALA B 456 8.15 -30.63 -11.48
CA ALA B 456 8.58 -30.06 -12.75
C ALA B 456 7.40 -29.99 -13.71
N TRP B 457 7.20 -28.84 -14.34
CA TRP B 457 6.10 -28.73 -15.24
C TRP B 457 6.54 -29.31 -16.54
N SER B 458 5.71 -30.29 -16.89
CA SER B 458 5.72 -31.17 -17.99
C SER B 458 6.58 -32.38 -17.74
N LEU B 459 5.94 -33.39 -17.21
CA LEU B 459 6.37 -34.73 -17.46
C LEU B 459 6.61 -34.89 -18.97
N LEU B 460 5.68 -34.38 -19.78
CA LEU B 460 5.65 -34.61 -21.22
C LEU B 460 5.56 -33.34 -22.06
N ASP B 461 6.21 -33.33 -23.23
CA ASP B 461 5.91 -32.33 -24.24
C ASP B 461 4.42 -32.41 -24.52
N ASN B 462 3.74 -31.28 -24.54
CA ASN B 462 2.31 -31.29 -24.69
C ASN B 462 1.75 -30.08 -25.42
N PHE B 463 0.43 -30.01 -25.53
CA PHE B 463 -0.24 -28.86 -26.15
C PHE B 463 -0.22 -27.63 -25.22
N GLU B 464 0.52 -26.60 -25.59
CA GLU B 464 0.68 -25.41 -24.73
C GLU B 464 -0.28 -24.27 -25.09
N TRP B 465 -1.58 -24.57 -25.03
CA TRP B 465 -2.64 -23.60 -25.20
C TRP B 465 -2.44 -22.76 -26.49
N PHE B 466 -2.34 -21.44 -26.39
CA PHE B 466 -2.15 -20.62 -27.57
C PHE B 466 -0.91 -20.98 -28.35
N ALA B 467 0.15 -21.35 -27.65
CA ALA B 467 1.43 -21.66 -28.30
C ALA B 467 1.36 -23.00 -29.05
N GLY B 468 0.32 -23.77 -28.76
CA GLY B 468 0.10 -25.07 -29.38
C GLY B 468 1.31 -25.96 -29.16
N PHE B 469 1.80 -26.58 -30.23
CA PHE B 469 2.99 -27.44 -30.12
C PHE B 469 4.31 -26.72 -30.40
N THR B 470 4.28 -25.39 -30.39
CA THR B 470 5.50 -24.64 -30.69
C THR B 470 6.46 -24.60 -29.50
N GLU B 471 6.01 -25.06 -28.34
CA GLU B 471 6.85 -25.09 -27.16
C GLU B 471 6.79 -26.46 -26.48
N ARG B 472 7.98 -27.02 -26.28
CA ARG B 472 8.17 -28.29 -25.61
C ARG B 472 8.62 -28.05 -24.18
N TYR B 473 7.74 -28.27 -23.22
CA TYR B 473 8.04 -28.08 -21.80
C TYR B 473 8.42 -29.38 -21.08
N GLY B 474 8.31 -30.50 -21.80
CA GLY B 474 8.59 -31.80 -21.22
C GLY B 474 10.00 -32.01 -20.72
N ILE B 475 10.12 -32.78 -19.64
CA ILE B 475 11.37 -33.44 -19.31
C ILE B 475 11.48 -34.75 -20.11
N VAL B 476 10.35 -35.21 -20.66
CA VAL B 476 10.31 -36.32 -21.61
C VAL B 476 9.82 -35.82 -22.97
N TYR B 477 10.61 -36.08 -24.01
CA TYR B 477 10.27 -35.77 -25.39
C TYR B 477 9.12 -36.65 -25.91
N VAL B 478 8.15 -36.04 -26.57
CA VAL B 478 7.07 -36.77 -27.20
C VAL B 478 7.17 -36.62 -28.71
N ASP B 479 7.33 -37.76 -29.38
CA ASP B 479 7.55 -37.80 -30.82
C ASP B 479 6.21 -37.93 -31.55
N ARG B 480 5.64 -36.79 -31.94
CA ARG B 480 4.30 -36.73 -32.53
C ARG B 480 4.22 -37.28 -33.96
N ASN B 481 5.36 -37.29 -34.64
CA ASN B 481 5.50 -37.84 -35.99
C ASN B 481 5.44 -39.37 -36.04
N ASN B 482 5.76 -40.04 -34.94
CA ASN B 482 5.68 -41.48 -34.89
C ASN B 482 4.33 -41.77 -34.27
N ASN B 483 4.26 -42.07 -32.99
CA ASN B 483 2.92 -42.21 -32.37
C ASN B 483 3.01 -41.79 -30.92
N CYS B 484 3.46 -40.54 -30.76
CA CYS B 484 3.73 -39.93 -29.45
C CYS B 484 4.68 -40.76 -28.60
N THR B 485 5.68 -41.37 -29.24
CA THR B 485 6.64 -42.22 -28.54
C THR B 485 7.46 -41.34 -27.63
N ARG B 486 7.79 -41.82 -26.43
CA ARG B 486 8.45 -41.04 -25.40
C ARG B 486 9.93 -41.38 -25.25
N TYR B 487 10.74 -40.34 -25.10
CA TYR B 487 12.18 -40.46 -24.84
C TYR B 487 12.57 -39.51 -23.74
N MET B 488 13.20 -40.03 -22.70
CA MET B 488 13.76 -39.18 -21.64
C MET B 488 14.82 -38.19 -22.19
N LYS B 489 14.67 -36.93 -21.81
CA LYS B 489 15.66 -35.89 -22.05
C LYS B 489 16.74 -35.95 -20.97
N GLU B 490 17.81 -35.18 -21.14
CA GLU B 490 18.85 -35.12 -20.12
C GLU B 490 18.32 -34.62 -18.75
N SER B 491 17.37 -33.68 -18.78
CA SER B 491 16.75 -33.20 -17.56
C SER B 491 16.10 -34.36 -16.80
N ALA B 492 15.35 -35.21 -17.51
CA ALA B 492 14.74 -36.38 -16.89
C ALA B 492 15.81 -37.34 -16.35
N LYS B 493 16.89 -37.50 -17.10
CA LYS B 493 17.98 -38.38 -16.68
C LYS B 493 18.67 -37.86 -15.40
N TRP B 494 18.81 -36.54 -15.24
CA TRP B 494 19.44 -36.03 -14.04
C TRP B 494 18.52 -36.23 -12.84
N LEU B 495 17.23 -36.04 -13.05
CA LEU B 495 16.22 -36.18 -12.00
C LEU B 495 16.13 -37.61 -11.48
N LYS B 496 16.36 -38.58 -12.37
CA LYS B 496 16.41 -39.99 -12.00
C LYS B 496 17.61 -40.28 -11.07
N GLU B 497 18.79 -39.80 -11.47
CA GLU B 497 20.02 -39.87 -10.68
C GLU B 497 19.87 -39.14 -9.33
N PHE B 498 19.15 -38.02 -9.35
CA PHE B 498 18.90 -37.20 -8.16
C PHE B 498 18.05 -37.99 -7.18
N ASN B 499 16.96 -38.56 -7.68
CA ASN B 499 15.99 -39.26 -6.85
C ASN B 499 16.43 -40.63 -6.32
N THR B 500 17.26 -41.34 -7.08
CA THR B 500 17.56 -42.76 -6.80
C THR B 500 18.94 -43.02 -6.21
N ALA B 501 19.83 -42.02 -6.27
CA ALA B 501 21.18 -42.17 -5.74
C ALA B 501 21.14 -42.33 -4.21
N LYS B 502 21.18 -43.44 -3.68
O1A HBO C . -4.12 21.72 16.38
C3B HBO C . -4.92 19.29 16.32
N3B HBO C . -6.04 18.72 15.91
C4B HBO C . -7.05 18.88 16.90
C1B HBO C . -6.72 19.78 18.04
O1B HBO C . -5.48 20.43 18.09
C2B HBO C . -5.14 20.74 16.74
C5B HBO C . -8.28 18.25 16.82
C6B HBO C . -9.23 18.46 17.81
C8B HBO C . -7.71 19.97 19.00
O3B HBO C . -3.88 18.69 16.57
OHB HBO C . -6.19 18.06 14.68
C7B HBO C . -8.95 19.31 18.90
O7B HBO C . -9.93 19.49 19.85
C9B HBO C . -11.08 20.27 19.51
C2 BGC D . -1.89 22.21 16.13
C3 BGC D . -0.71 23.02 16.64
C4 BGC D . -1.25 24.35 17.11
C5 BGC D . -2.14 24.04 18.26
C6 BGC D . -2.55 25.36 18.82
C1 BGC D . -2.99 22.03 17.15
O2 BGC D . -1.41 20.97 15.68
O3 BGC D . 0.15 23.27 15.59
O4 BGC D . -0.30 25.29 17.59
O5 BGC D . -3.26 23.28 17.82
O6 BGC D . -3.92 25.26 19.16
O1A HBO E . 0.12 -19.93 -18.75
C3B HBO E . 1.63 -17.74 -18.37
N3B HBO E . 1.58 -16.44 -18.72
C4B HBO E . 1.65 -16.23 -20.11
C1B HBO E . 1.68 -17.47 -20.98
O1B HBO E . 1.60 -18.74 -20.36
C2B HBO E . 0.74 -18.67 -19.23
C5B HBO E . 1.69 -14.96 -20.70
C6B HBO E . 1.76 -14.83 -22.08
C8B HBO E . 1.73 -17.27 -22.36
O3B HBO E . 2.48 -18.10 -17.57
OHB HBO E . 1.58 -15.40 -17.77
C7B HBO E . 1.78 -15.98 -22.90
O7B HBO E . 1.83 -15.80 -24.27
C9B HBO E . 0.69 -16.19 -25.06
C2 BGC F . 0.26 -21.60 -16.87
C3 BGC F . 0.53 -23.06 -16.44
C4 BGC F . 0.16 -23.98 -17.55
C5 BGC F . 1.07 -23.55 -18.63
C6 BGC F . 1.17 -24.63 -19.62
C1 BGC F . 0.75 -21.18 -18.27
O2 BGC F . 0.88 -20.90 -15.84
O3 BGC F . -0.36 -23.51 -15.50
O4 BGC F . 0.28 -25.36 -17.22
O5 BGC F . 0.50 -22.33 -19.12
O6 BGC F . 0.16 -24.35 -20.56
#